data_9MRF
# 
_entry.id   9MRF 
# 
_audit_conform.dict_name       mmcif_pdbx.dic 
_audit_conform.dict_version    5.401 
_audit_conform.dict_location   http://mmcif.pdb.org/dictionaries/ascii/mmcif_pdbx.dic 
# 
loop_
_database_2.database_id 
_database_2.database_code 
_database_2.pdbx_database_accession 
_database_2.pdbx_DOI 
PDB   9MRF         pdb_00009mrf 10.2210/pdb9mrf/pdb 
WWPDB D_1000291108 ?            ?                   
# 
_pdbx_audit_revision_history.ordinal             1 
_pdbx_audit_revision_history.data_content_type   'Structure model' 
_pdbx_audit_revision_history.major_revision      1 
_pdbx_audit_revision_history.minor_revision      0 
_pdbx_audit_revision_history.revision_date       2025-01-22 
# 
_pdbx_audit_revision_details.ordinal             1 
_pdbx_audit_revision_details.revision_ordinal    1 
_pdbx_audit_revision_details.data_content_type   'Structure model' 
_pdbx_audit_revision_details.provider            repository 
_pdbx_audit_revision_details.type                'Initial release' 
_pdbx_audit_revision_details.description         ? 
_pdbx_audit_revision_details.details             ? 
# 
_pdbx_database_status.status_code                     REL 
_pdbx_database_status.status_code_sf                  REL 
_pdbx_database_status.status_code_mr                  ? 
_pdbx_database_status.entry_id                        9MRF 
_pdbx_database_status.recvd_initial_deposition_date   2025-01-07 
_pdbx_database_status.SG_entry                        N 
_pdbx_database_status.deposit_site                    RCSB 
_pdbx_database_status.process_site                    RCSB 
_pdbx_database_status.status_code_cs                  ? 
_pdbx_database_status.status_code_nmr_data            ? 
_pdbx_database_status.methods_development_category    ? 
_pdbx_database_status.pdb_format_compatible           Y 
# 
_pdbx_contact_author.id                 2 
_pdbx_contact_author.email              mmravic@scripps.edu 
_pdbx_contact_author.name_first         Marco 
_pdbx_contact_author.name_last          Mravic 
_pdbx_contact_author.name_mi            ? 
_pdbx_contact_author.role               'principal investigator/group leader' 
_pdbx_contact_author.identifier_ORCID   0000-0001-6294-1824 
# 
loop_
_audit_author.name 
_audit_author.pdbx_ordinal 
_audit_author.identifier_ORCID 
'Mravic, M.'     1 0000-0001-6294-1824 
'Zhang, M.'      2 0009-0007-3485-6324 
'Anderson, C.T.' 3 ?                   
# 
loop_
_citation.abstract 
_citation.abstract_id_CAS 
_citation.book_id_ISBN 
_citation.book_publisher 
_citation.book_publisher_city 
_citation.book_title 
_citation.coordinate_linkage 
_citation.country 
_citation.database_id_Medline 
_citation.details 
_citation.id 
_citation.journal_abbrev 
_citation.journal_id_ASTM 
_citation.journal_id_CSD 
_citation.journal_id_ISSN 
_citation.journal_full 
_citation.journal_issue 
_citation.journal_volume 
_citation.language 
_citation.page_first 
_citation.page_last 
_citation.title 
_citation.year 
_citation.database_id_CSD 
_citation.pdbx_database_id_DOI 
_citation.pdbx_database_id_PubMed 
_citation.pdbx_database_id_patent 
_citation.unpublished_flag 
? ? ? ? ? ? ? ? ? ? primary 'To Be Published'                ? 0353 ? ? ? ? ? ? ? 
'De novo designed apolar residue motif transmembrane helix'                                                  ?    ? ? ?        ? ? 
? ? ? ? ? ? ? ? ? ? 1       'Acta Crystallogr D Struct Biol' ? 0353 ? ? ? ? ? ? ? 
'Macromolecular structure determination using X-rays, neutrons and electrons: recent developments in Phenix' 2019 ? 
10.1107/S2059798319011471 31588918 ? ? 
# 
loop_
_citation_author.citation_id 
_citation_author.name 
_citation_author.ordinal 
_citation_author.identifier_ORCID 
primary 'Mravic, M.'        1  0000-0001-6294-1824 
primary 'Zhang, M.'         2  0009-0007-3485-6324 
primary 'Anderson, C.T.'    3  ?                   
1       'Liebschner, D.'    4  0000-0003-3921-3209 
1       'Afonine, P.V.'     5  0000-0002-5052-991X 
1       'Baker, M.L.'       6  ?                   
1       'Bunkoczi, G.'      7  ?                   
1       'Chen, V.B.'        8  0000-0003-2492-979X 
1       'Croll, T.I.'       9  ?                   
1       'Hintze, B.'        10 0000-0002-4871-2096 
1       'Hung, L.W.'        11 0000-0001-6690-8458 
1       'Jain, S.'          12 ?                   
1       'McCoy, A.J.'       13 ?                   
1       'Moriarty, N.W.'    14 0000-0001-8857-9464 
1       'Oeffner, R.D.'     15 0000-0003-3107-2202 
1       'Poon, B.K.'        16 0000-0001-9633-6067 
1       'Prisant, M.G.'     17 ?                   
1       'Read, R.J.'        18 0000-0001-8273-0047 
1       'Richardson, J.S.'  19 0000-0002-3311-2944 
1       'Richardson, D.C.'  20 ?                   
1       'Sammito, M.D.'     21 0000-0002-8346-9247 
1       'Sobolev, O.V.'     22 0000-0002-0623-3214 
1       'Stockwell, D.H.'   23 ?                   
1       'Terwilliger, T.C.' 24 0000-0001-6384-0320 
1       'Urzhumtsev, A.G.'  25 ?                   
1       'Videau, L.L.'      26 ?                   
1       'Williams, C.J.'    27 ?                   
1       'Adams, P.D.'       28 0000-0001-9333-8219 
# 
loop_
_entity.id 
_entity.type 
_entity.src_method 
_entity.pdbx_description 
_entity.formula_weight 
_entity.pdbx_number_of_molecules 
_entity.pdbx_ec 
_entity.pdbx_mutation 
_entity.pdbx_fragment 
_entity.details 
1 polymer     man ApolarResidue_denovo_design_46727_KFYK 3412.066 2  ? ? ? ? 
2 non-polymer syn 'DI(HYDROXYETHYL)ETHER'                106.120  2  ? ? ? ? 
3 water       nat water                                  18.015   32 ? ? ? ? 
# 
_entity_poly.entity_id                      1 
_entity_poly.type                           'polypeptide(L)' 
_entity_poly.nstd_linkage                   no 
_entity_poly.nstd_monomer                   no 
_entity_poly.pdbx_seq_one_letter_code       SAASDLDELLWVIAVTIFGLVLIASILKFYK 
_entity_poly.pdbx_seq_one_letter_code_can   SAASDLDELLWVIAVTIFGLVLIASILKFYK 
_entity_poly.pdbx_strand_id                 A,B 
_entity_poly.pdbx_target_identifier         ? 
# 
loop_
_pdbx_entity_nonpoly.entity_id 
_pdbx_entity_nonpoly.name 
_pdbx_entity_nonpoly.comp_id 
2 'DI(HYDROXYETHYL)ETHER' PEG 
3 water                   HOH 
# 
loop_
_entity_poly_seq.entity_id 
_entity_poly_seq.num 
_entity_poly_seq.mon_id 
_entity_poly_seq.hetero 
1 1  SER n 
1 2  ALA n 
1 3  ALA n 
1 4  SER n 
1 5  ASP n 
1 6  LEU n 
1 7  ASP n 
1 8  GLU n 
1 9  LEU n 
1 10 LEU n 
1 11 TRP n 
1 12 VAL n 
1 13 ILE n 
1 14 ALA n 
1 15 VAL n 
1 16 THR n 
1 17 ILE n 
1 18 PHE n 
1 19 GLY n 
1 20 LEU n 
1 21 VAL n 
1 22 LEU n 
1 23 ILE n 
1 24 ALA n 
1 25 SER n 
1 26 ILE n 
1 27 LEU n 
1 28 LYS n 
1 29 PHE n 
1 30 TYR n 
1 31 LYS n 
# 
_entity_src_gen.entity_id                          1 
_entity_src_gen.pdbx_src_id                        1 
_entity_src_gen.pdbx_alt_source_flag               sample 
_entity_src_gen.pdbx_seq_type                      'Biological sequence' 
_entity_src_gen.pdbx_beg_seq_num                   1 
_entity_src_gen.pdbx_end_seq_num                   31 
_entity_src_gen.gene_src_common_name               ? 
_entity_src_gen.gene_src_genus                     ? 
_entity_src_gen.pdbx_gene_src_gene                 ? 
_entity_src_gen.gene_src_species                   ? 
_entity_src_gen.gene_src_strain                    ? 
_entity_src_gen.gene_src_tissue                    ? 
_entity_src_gen.gene_src_tissue_fraction           ? 
_entity_src_gen.gene_src_details                   ? 
_entity_src_gen.pdbx_gene_src_fragment             ? 
_entity_src_gen.pdbx_gene_src_scientific_name      'synthetic construct' 
_entity_src_gen.pdbx_gene_src_ncbi_taxonomy_id     32630 
_entity_src_gen.pdbx_gene_src_variant              ? 
_entity_src_gen.pdbx_gene_src_cell_line            ? 
_entity_src_gen.pdbx_gene_src_atcc                 ? 
_entity_src_gen.pdbx_gene_src_organ                ? 
_entity_src_gen.pdbx_gene_src_organelle            ? 
_entity_src_gen.pdbx_gene_src_cell                 ? 
_entity_src_gen.pdbx_gene_src_cellular_location    ? 
_entity_src_gen.host_org_common_name               ? 
_entity_src_gen.pdbx_host_org_scientific_name      'Escherichia coli BL21(DE3)' 
_entity_src_gen.pdbx_host_org_ncbi_taxonomy_id     469008 
_entity_src_gen.host_org_genus                     ? 
_entity_src_gen.pdbx_host_org_gene                 ? 
_entity_src_gen.pdbx_host_org_organ                ? 
_entity_src_gen.host_org_species                   ? 
_entity_src_gen.pdbx_host_org_tissue               ? 
_entity_src_gen.pdbx_host_org_tissue_fraction      ? 
_entity_src_gen.pdbx_host_org_strain               ? 
_entity_src_gen.pdbx_host_org_variant              ? 
_entity_src_gen.pdbx_host_org_cell_line            ? 
_entity_src_gen.pdbx_host_org_atcc                 ? 
_entity_src_gen.pdbx_host_org_culture_collection   ? 
_entity_src_gen.pdbx_host_org_cell                 ? 
_entity_src_gen.pdbx_host_org_organelle            ? 
_entity_src_gen.pdbx_host_org_cellular_location    ? 
_entity_src_gen.pdbx_host_org_vector_type          ? 
_entity_src_gen.pdbx_host_org_vector               ? 
_entity_src_gen.host_org_details                   ? 
_entity_src_gen.expression_system_id               ? 
_entity_src_gen.plasmid_name                       ? 
_entity_src_gen.plasmid_details                    ? 
_entity_src_gen.pdbx_description                   ? 
# 
loop_
_chem_comp.id 
_chem_comp.type 
_chem_comp.mon_nstd_flag 
_chem_comp.name 
_chem_comp.pdbx_synonyms 
_chem_comp.formula 
_chem_comp.formula_weight 
ALA 'L-peptide linking' y ALANINE                 ? 'C3 H7 N O2'     89.093  
ASP 'L-peptide linking' y 'ASPARTIC ACID'         ? 'C4 H7 N O4'     133.103 
GLU 'L-peptide linking' y 'GLUTAMIC ACID'         ? 'C5 H9 N O4'     147.129 
GLY 'peptide linking'   y GLYCINE                 ? 'C2 H5 N O2'     75.067  
HOH non-polymer         . WATER                   ? 'H2 O'           18.015  
ILE 'L-peptide linking' y ISOLEUCINE              ? 'C6 H13 N O2'    131.173 
LEU 'L-peptide linking' y LEUCINE                 ? 'C6 H13 N O2'    131.173 
LYS 'L-peptide linking' y LYSINE                  ? 'C6 H15 N2 O2 1' 147.195 
PEG non-polymer         . 'DI(HYDROXYETHYL)ETHER' ? 'C4 H10 O3'      106.120 
PHE 'L-peptide linking' y PHENYLALANINE           ? 'C9 H11 N O2'    165.189 
SER 'L-peptide linking' y SERINE                  ? 'C3 H7 N O3'     105.093 
THR 'L-peptide linking' y THREONINE               ? 'C4 H9 N O3'     119.119 
TRP 'L-peptide linking' y TRYPTOPHAN              ? 'C11 H12 N2 O2'  204.225 
TYR 'L-peptide linking' y TYROSINE                ? 'C9 H11 N O3'    181.189 
VAL 'L-peptide linking' y VALINE                  ? 'C5 H11 N O2'    117.146 
# 
loop_
_pdbx_poly_seq_scheme.asym_id 
_pdbx_poly_seq_scheme.entity_id 
_pdbx_poly_seq_scheme.seq_id 
_pdbx_poly_seq_scheme.mon_id 
_pdbx_poly_seq_scheme.ndb_seq_num 
_pdbx_poly_seq_scheme.pdb_seq_num 
_pdbx_poly_seq_scheme.auth_seq_num 
_pdbx_poly_seq_scheme.pdb_mon_id 
_pdbx_poly_seq_scheme.auth_mon_id 
_pdbx_poly_seq_scheme.pdb_strand_id 
_pdbx_poly_seq_scheme.pdb_ins_code 
_pdbx_poly_seq_scheme.hetero 
A 1 1  SER 1  -3 -3 SER SER A . n 
A 1 2  ALA 2  -2 -2 ALA ALA A . n 
A 1 3  ALA 3  -1 -1 ALA ALA A . n 
A 1 4  SER 4  0  0  SER SER A . n 
A 1 5  ASP 5  1  1  ASP ASP A . n 
A 1 6  LEU 6  2  2  LEU LEU A . n 
A 1 7  ASP 7  3  3  ASP ASP A . n 
A 1 8  GLU 8  4  4  GLU GLU A . n 
A 1 9  LEU 9  5  5  LEU LEU A . n 
A 1 10 LEU 10 6  6  LEU LEU A . n 
A 1 11 TRP 11 7  7  TRP TRP A . n 
A 1 12 VAL 12 8  8  VAL VAL A . n 
A 1 13 ILE 13 9  9  ILE ILE A . n 
A 1 14 ALA 14 10 10 ALA ALA A . n 
A 1 15 VAL 15 11 11 VAL VAL A . n 
A 1 16 THR 16 12 12 THR THR A . n 
A 1 17 ILE 17 13 13 ILE ILE A . n 
A 1 18 PHE 18 14 14 PHE PHE A . n 
A 1 19 GLY 19 15 15 GLY GLY A . n 
A 1 20 LEU 20 16 16 LEU LEU A . n 
A 1 21 VAL 21 17 17 VAL VAL A . n 
A 1 22 LEU 22 18 18 LEU LEU A . n 
A 1 23 ILE 23 19 19 ILE ILE A . n 
A 1 24 ALA 24 20 20 ALA ALA A . n 
A 1 25 SER 25 21 21 SER SER A . n 
A 1 26 ILE 26 22 22 ILE ILE A . n 
A 1 27 LEU 27 23 23 LEU LEU A . n 
A 1 28 LYS 28 24 24 LYS LYS A . n 
A 1 29 PHE 29 25 25 PHE PHE A . n 
A 1 30 TYR 30 26 26 TYR TYR A . n 
A 1 31 LYS 31 27 27 LYS LYS A . n 
B 1 1  SER 1  -3 -3 SER SER B . n 
B 1 2  ALA 2  -2 -2 ALA ALA B . n 
B 1 3  ALA 3  -1 -1 ALA ALA B . n 
B 1 4  SER 4  0  0  SER SER B . n 
B 1 5  ASP 5  1  1  ASP ASP B . n 
B 1 6  LEU 6  2  2  LEU LEU B . n 
B 1 7  ASP 7  3  3  ASP ASP B . n 
B 1 8  GLU 8  4  4  GLU GLU B . n 
B 1 9  LEU 9  5  5  LEU LEU B . n 
B 1 10 LEU 10 6  6  LEU LEU B . n 
B 1 11 TRP 11 7  7  TRP TRP B . n 
B 1 12 VAL 12 8  8  VAL VAL B . n 
B 1 13 ILE 13 9  9  ILE ILE B . n 
B 1 14 ALA 14 10 10 ALA ALA B . n 
B 1 15 VAL 15 11 11 VAL VAL B . n 
B 1 16 THR 16 12 12 THR THR B . n 
B 1 17 ILE 17 13 13 ILE ILE B . n 
B 1 18 PHE 18 14 14 PHE PHE B . n 
B 1 19 GLY 19 15 15 GLY GLY B . n 
B 1 20 LEU 20 16 16 LEU LEU B . n 
B 1 21 VAL 21 17 17 VAL VAL B . n 
B 1 22 LEU 22 18 18 LEU LEU B . n 
B 1 23 ILE 23 19 19 ILE ILE B . n 
B 1 24 ALA 24 20 20 ALA ALA B . n 
B 1 25 SER 25 21 21 SER SER B . n 
B 1 26 ILE 26 22 22 ILE ILE B . n 
B 1 27 LEU 27 23 23 LEU LEU B . n 
B 1 28 LYS 28 24 24 LYS LYS B . n 
B 1 29 PHE 29 25 25 PHE PHE B . n 
B 1 30 TYR 30 26 26 TYR TYR B . n 
B 1 31 LYS 31 27 27 LYS LYS B . n 
# 
loop_
_pdbx_nonpoly_scheme.asym_id 
_pdbx_nonpoly_scheme.entity_id 
_pdbx_nonpoly_scheme.mon_id 
_pdbx_nonpoly_scheme.ndb_seq_num 
_pdbx_nonpoly_scheme.pdb_seq_num 
_pdbx_nonpoly_scheme.auth_seq_num 
_pdbx_nonpoly_scheme.pdb_mon_id 
_pdbx_nonpoly_scheme.auth_mon_id 
_pdbx_nonpoly_scheme.pdb_strand_id 
_pdbx_nonpoly_scheme.pdb_ins_code 
C 2 PEG 1  101 101 PEG PEG A . 
D 2 PEG 1  101 101 PEG PEG B . 
E 3 HOH 1  201 243 HOH HOH A . 
E 3 HOH 2  202 267 HOH HOH A . 
E 3 HOH 3  203 362 HOH HOH A . 
E 3 HOH 4  204 354 HOH HOH A . 
E 3 HOH 5  205 242 HOH HOH A . 
E 3 HOH 6  206 307 HOH HOH A . 
E 3 HOH 7  207 152 HOH HOH A . 
E 3 HOH 8  208 25  HOH HOH A . 
E 3 HOH 9  209 377 HOH HOH A . 
E 3 HOH 10 210 248 HOH HOH A . 
E 3 HOH 11 211 89  HOH HOH A . 
E 3 HOH 12 212 367 HOH HOH A . 
E 3 HOH 13 213 397 HOH HOH A . 
E 3 HOH 14 214 299 HOH HOH A . 
E 3 HOH 15 215 293 HOH HOH A . 
E 3 HOH 16 216 375 HOH HOH A . 
E 3 HOH 17 217 373 HOH HOH A . 
F 3 HOH 1  201 376 HOH HOH B . 
F 3 HOH 2  202 86  HOH HOH B . 
F 3 HOH 3  203 313 HOH HOH B . 
F 3 HOH 4  204 329 HOH HOH B . 
F 3 HOH 5  205 396 HOH HOH B . 
F 3 HOH 6  206 108 HOH HOH B . 
F 3 HOH 7  207 320 HOH HOH B . 
F 3 HOH 8  208 409 HOH HOH B . 
F 3 HOH 9  209 323 HOH HOH B . 
F 3 HOH 10 210 368 HOH HOH B . 
F 3 HOH 11 211 364 HOH HOH B . 
F 3 HOH 12 212 393 HOH HOH B . 
F 3 HOH 13 213 28  HOH HOH B . 
F 3 HOH 14 214 16  HOH HOH B . 
F 3 HOH 15 215 391 HOH HOH B . 
# 
loop_
_pdbx_unobs_or_zero_occ_atoms.id 
_pdbx_unobs_or_zero_occ_atoms.PDB_model_num 
_pdbx_unobs_or_zero_occ_atoms.polymer_flag 
_pdbx_unobs_or_zero_occ_atoms.occupancy_flag 
_pdbx_unobs_or_zero_occ_atoms.auth_asym_id 
_pdbx_unobs_or_zero_occ_atoms.auth_comp_id 
_pdbx_unobs_or_zero_occ_atoms.auth_seq_id 
_pdbx_unobs_or_zero_occ_atoms.PDB_ins_code 
_pdbx_unobs_or_zero_occ_atoms.auth_atom_id 
_pdbx_unobs_or_zero_occ_atoms.label_alt_id 
_pdbx_unobs_or_zero_occ_atoms.label_asym_id 
_pdbx_unobs_or_zero_occ_atoms.label_comp_id 
_pdbx_unobs_or_zero_occ_atoms.label_seq_id 
_pdbx_unobs_or_zero_occ_atoms.label_atom_id 
1  1 Y 1 A LYS 24 ? CG  ? A LYS 28 CG  
2  1 Y 1 A LYS 24 ? CD  ? A LYS 28 CD  
3  1 Y 1 A LYS 24 ? CE  ? A LYS 28 CE  
4  1 Y 1 A LYS 24 ? NZ  ? A LYS 28 NZ  
5  1 Y 1 A PHE 25 ? CD1 ? A PHE 29 CD1 
6  1 Y 1 A PHE 25 ? CD2 ? A PHE 29 CD2 
7  1 Y 1 A PHE 25 ? CE1 ? A PHE 29 CE1 
8  1 Y 1 A PHE 25 ? CE2 ? A PHE 29 CE2 
9  1 Y 1 A PHE 25 ? CZ  ? A PHE 29 CZ  
10 1 Y 1 A LYS 27 ? CG  ? A LYS 31 CG  
11 1 Y 1 A LYS 27 ? CD  ? A LYS 31 CD  
12 1 Y 1 A LYS 27 ? CE  ? A LYS 31 CE  
13 1 Y 1 A LYS 27 ? NZ  ? A LYS 31 NZ  
14 1 Y 1 B LYS 24 ? CG  ? B LYS 28 CG  
15 1 Y 1 B LYS 24 ? CD  ? B LYS 28 CD  
16 1 Y 1 B LYS 24 ? CE  ? B LYS 28 CE  
17 1 Y 1 B LYS 24 ? NZ  ? B LYS 28 NZ  
18 1 Y 1 B PHE 25 ? CD1 ? B PHE 29 CD1 
19 1 Y 1 B PHE 25 ? CE1 ? B PHE 29 CE1 
20 1 Y 1 B PHE 25 ? CE2 ? B PHE 29 CE2 
21 1 Y 1 B PHE 25 ? CZ  ? B PHE 29 CZ  
22 1 Y 1 B LYS 27 ? NZ  ? B LYS 31 NZ  
# 
loop_
_software.citation_id 
_software.classification 
_software.compiler_name 
_software.compiler_version 
_software.contact_author 
_software.contact_author_email 
_software.date 
_software.description 
_software.dependencies 
_software.hardware 
_software.language 
_software.location 
_software.mods 
_software.name 
_software.os 
_software.os_version 
_software.type 
_software.version 
_software.pdbx_ordinal 
? refinement       ? ? ? ? ? ? ? ? ? ? ? PHENIX    ? ? ? 1.21.2_5419 1 
? 'data reduction' ? ? ? ? ? ? ? ? ? ? ? HKL-3000  ? ? ? .           2 
? 'data scaling'   ? ? ? ? ? ? ? ? ? ? ? SCALEPACK ? ? ? .           3 
? phasing          ? ? ? ? ? ? ? ? ? ? ? PHASER    ? ? ? .           4 
# 
_cell.angle_alpha                  90.000 
_cell.angle_alpha_esd              ? 
_cell.angle_beta                   90.000 
_cell.angle_beta_esd               ? 
_cell.angle_gamma                  90.000 
_cell.angle_gamma_esd              ? 
_cell.entry_id                     9MRF 
_cell.details                      ? 
_cell.formula_units_Z              ? 
_cell.length_a                     39.599 
_cell.length_a_esd                 ? 
_cell.length_b                     48.745 
_cell.length_b_esd                 ? 
_cell.length_c                     29.756 
_cell.length_c_esd                 ? 
_cell.volume                       57436.616 
_cell.volume_esd                   ? 
_cell.Z_PDB                        8 
_cell.reciprocal_angle_alpha       ? 
_cell.reciprocal_angle_beta        ? 
_cell.reciprocal_angle_gamma       ? 
_cell.reciprocal_angle_alpha_esd   ? 
_cell.reciprocal_angle_beta_esd    ? 
_cell.reciprocal_angle_gamma_esd   ? 
_cell.reciprocal_length_a          ? 
_cell.reciprocal_length_b          ? 
_cell.reciprocal_length_c          ? 
_cell.reciprocal_length_a_esd      ? 
_cell.reciprocal_length_b_esd      ? 
_cell.reciprocal_length_c_esd      ? 
_cell.pdbx_unique_axis             ? 
_cell.pdbx_esd_method              ? 
# 
_symmetry.entry_id                         9MRF 
_symmetry.cell_setting                     ? 
_symmetry.Int_Tables_number                17 
_symmetry.space_group_name_Hall            'P 2c 2' 
_symmetry.space_group_name_H-M             'P 2 2 21' 
_symmetry.pdbx_full_space_group_name_H-M   ? 
# 
_exptl.absorpt_coefficient_mu     ? 
_exptl.absorpt_correction_T_max   ? 
_exptl.absorpt_correction_T_min   ? 
_exptl.absorpt_correction_type    ? 
_exptl.absorpt_process_details    ? 
_exptl.entry_id                   9MRF 
_exptl.crystals_number            1 
_exptl.details                    ? 
_exptl.method                     'X-RAY DIFFRACTION' 
_exptl.method_details             ? 
# 
_exptl_crystal.colour                       ? 
_exptl_crystal.density_diffrn               ? 
_exptl_crystal.density_Matthews             2.10 
_exptl_crystal.density_method               ? 
_exptl_crystal.density_percent_sol          41.54 
_exptl_crystal.description                  ? 
_exptl_crystal.F_000                        ? 
_exptl_crystal.id                           1 
_exptl_crystal.preparation                  ? 
_exptl_crystal.size_max                     ? 
_exptl_crystal.size_mid                     ? 
_exptl_crystal.size_min                     ? 
_exptl_crystal.size_rad                     ? 
_exptl_crystal.colour_lustre                ? 
_exptl_crystal.colour_modifier              ? 
_exptl_crystal.colour_primary               ? 
_exptl_crystal.density_meas                 ? 
_exptl_crystal.density_meas_esd             ? 
_exptl_crystal.density_meas_gt              ? 
_exptl_crystal.density_meas_lt              ? 
_exptl_crystal.density_meas_temp            ? 
_exptl_crystal.density_meas_temp_esd        ? 
_exptl_crystal.density_meas_temp_gt         ? 
_exptl_crystal.density_meas_temp_lt         ? 
_exptl_crystal.pdbx_crystal_image_url       ? 
_exptl_crystal.pdbx_crystal_image_format    ? 
_exptl_crystal.pdbx_mosaicity               ? 
_exptl_crystal.pdbx_mosaicity_esd           ? 
_exptl_crystal.pdbx_mosaic_method           ? 
_exptl_crystal.pdbx_mosaic_block_size       ? 
_exptl_crystal.pdbx_mosaic_block_size_esd   ? 
# 
_exptl_crystal_grow.apparatus       ? 
_exptl_crystal_grow.atmosphere      ? 
_exptl_crystal_grow.crystal_id      1 
_exptl_crystal_grow.details         ? 
_exptl_crystal_grow.method          'LIPIDIC CUBIC PHASE' 
_exptl_crystal_grow.method_ref      ? 
_exptl_crystal_grow.pH              7.5 
_exptl_crystal_grow.pressure        ? 
_exptl_crystal_grow.pressure_esd    ? 
_exptl_crystal_grow.seeding         ? 
_exptl_crystal_grow.seeding_ref     ? 
_exptl_crystal_grow.temp_details    ? 
_exptl_crystal_grow.temp_esd        ? 
_exptl_crystal_grow.time            ? 
_exptl_crystal_grow.pdbx_details    '0.01M HEPES pH7.5, 3.5M 1,6-Hexanediol' 
_exptl_crystal_grow.pdbx_pH_range   ? 
_exptl_crystal_grow.temp            293.15 
# 
_diffrn.ambient_environment              ? 
_diffrn.ambient_temp                     100 
_diffrn.ambient_temp_details             ? 
_diffrn.ambient_temp_esd                 ? 
_diffrn.crystal_id                       1 
_diffrn.crystal_support                  ? 
_diffrn.crystal_treatment                ? 
_diffrn.details                          ? 
_diffrn.id                               1 
_diffrn.ambient_pressure                 ? 
_diffrn.ambient_pressure_esd             ? 
_diffrn.ambient_pressure_gt              ? 
_diffrn.ambient_pressure_lt              ? 
_diffrn.ambient_temp_gt                  ? 
_diffrn.ambient_temp_lt                  ? 
_diffrn.pdbx_serial_crystal_experiment   N 
# 
_diffrn_detector.details                      ? 
_diffrn_detector.detector                     PIXEL 
_diffrn_detector.diffrn_id                    1 
_diffrn_detector.type                         'DECTRIS EIGER X 16M' 
_diffrn_detector.area_resol_mean              ? 
_diffrn_detector.dtime                        ? 
_diffrn_detector.pdbx_frames_total            ? 
_diffrn_detector.pdbx_collection_time_total   ? 
_diffrn_detector.pdbx_collection_date         2024-10-30 
_diffrn_detector.pdbx_frequency               ? 
_diffrn_detector.id                           ? 
_diffrn_detector.number_of_axes               ? 
# 
_diffrn_radiation.collimation                      ? 
_diffrn_radiation.diffrn_id                        1 
_diffrn_radiation.filter_edge                      ? 
_diffrn_radiation.inhomogeneity                    ? 
_diffrn_radiation.monochromator                    ? 
_diffrn_radiation.polarisn_norm                    ? 
_diffrn_radiation.polarisn_ratio                   ? 
_diffrn_radiation.probe                            ? 
_diffrn_radiation.type                             ? 
_diffrn_radiation.xray_symbol                      ? 
_diffrn_radiation.wavelength_id                    1 
_diffrn_radiation.pdbx_monochromatic_or_laue_m_l   M 
_diffrn_radiation.pdbx_wavelength_list             ? 
_diffrn_radiation.pdbx_wavelength                  ? 
_diffrn_radiation.pdbx_diffrn_protocol             'SINGLE WAVELENGTH' 
_diffrn_radiation.pdbx_analyzer                    ? 
_diffrn_radiation.pdbx_scattering_type             x-ray 
# 
_diffrn_radiation_wavelength.id           1 
_diffrn_radiation_wavelength.wavelength   0.97946 
_diffrn_radiation_wavelength.wt           1.0 
# 
_diffrn_source.current                     ? 
_diffrn_source.details                     ? 
_diffrn_source.diffrn_id                   1 
_diffrn_source.power                       ? 
_diffrn_source.size                        ? 
_diffrn_source.source                      SYNCHROTRON 
_diffrn_source.target                      ? 
_diffrn_source.type                        'SSRL BEAMLINE BL12-1' 
_diffrn_source.voltage                     ? 
_diffrn_source.take-off_angle              ? 
_diffrn_source.pdbx_wavelength_list        0.97946 
_diffrn_source.pdbx_wavelength             ? 
_diffrn_source.pdbx_synchrotron_beamline   BL12-1 
_diffrn_source.pdbx_synchrotron_site       SSRL 
# 
_reflns.B_iso_Wilson_estimate                          20.33 
_reflns.entry_id                                       9MRF 
_reflns.data_reduction_details                         ? 
_reflns.data_reduction_method                          ? 
_reflns.d_resolution_high                              2 
_reflns.d_resolution_low                               30 
_reflns.details                                        ? 
_reflns.limit_h_max                                    ? 
_reflns.limit_h_min                                    ? 
_reflns.limit_k_max                                    ? 
_reflns.limit_k_min                                    ? 
_reflns.limit_l_max                                    ? 
_reflns.limit_l_min                                    ? 
_reflns.number_all                                     ? 
_reflns.number_obs                                     4159 
_reflns.observed_criterion                             ? 
_reflns.observed_criterion_F_max                       ? 
_reflns.observed_criterion_F_min                       ? 
_reflns.observed_criterion_I_max                       ? 
_reflns.observed_criterion_I_min                       ? 
_reflns.observed_criterion_sigma_F                     ? 
_reflns.observed_criterion_sigma_I                     ? 
_reflns.percent_possible_obs                           98.2 
_reflns.R_free_details                                 ? 
_reflns.Rmerge_F_all                                   ? 
_reflns.Rmerge_F_obs                                   ? 
_reflns.Friedel_coverage                               ? 
_reflns.number_gt                                      ? 
_reflns.threshold_expression                           ? 
_reflns.pdbx_redundancy                                6 
_reflns.pdbx_netI_over_av_sigmaI                       ? 
_reflns.pdbx_netI_over_sigmaI                          8.5 
_reflns.pdbx_res_netI_over_av_sigmaI_2                 ? 
_reflns.pdbx_res_netI_over_sigmaI_2                    ? 
_reflns.pdbx_chi_squared                               ? 
_reflns.pdbx_scaling_rejects                           ? 
_reflns.pdbx_d_res_high_opt                            ? 
_reflns.pdbx_d_res_low_opt                             ? 
_reflns.pdbx_d_res_opt_method                          ? 
_reflns.phase_calculation_details                      ? 
_reflns.pdbx_Rrim_I_all                                0.084 
_reflns.pdbx_Rpim_I_all                                0.034 
_reflns.pdbx_d_opt                                     ? 
_reflns.pdbx_number_measured_all                       ? 
_reflns.pdbx_diffrn_id                                 1 
_reflns.pdbx_ordinal                                   1 
_reflns.pdbx_CC_half                                   0.981 
_reflns.pdbx_CC_star                                   0.995 
_reflns.pdbx_R_split                                   ? 
_reflns.pdbx_Rmerge_I_obs                              ? 
_reflns.pdbx_Rmerge_I_all                              ? 
_reflns.pdbx_Rsym_value                                ? 
_reflns.pdbx_CC_split_method                           ? 
_reflns.pdbx_aniso_diffraction_limit_axis_1_ortho[1]   ? 
_reflns.pdbx_aniso_diffraction_limit_axis_1_ortho[2]   ? 
_reflns.pdbx_aniso_diffraction_limit_axis_1_ortho[3]   ? 
_reflns.pdbx_aniso_diffraction_limit_axis_2_ortho[1]   ? 
_reflns.pdbx_aniso_diffraction_limit_axis_2_ortho[2]   ? 
_reflns.pdbx_aniso_diffraction_limit_axis_2_ortho[3]   ? 
_reflns.pdbx_aniso_diffraction_limit_axis_3_ortho[1]   ? 
_reflns.pdbx_aniso_diffraction_limit_axis_3_ortho[2]   ? 
_reflns.pdbx_aniso_diffraction_limit_axis_3_ortho[3]   ? 
_reflns.pdbx_aniso_diffraction_limit_1                 ? 
_reflns.pdbx_aniso_diffraction_limit_2                 ? 
_reflns.pdbx_aniso_diffraction_limit_3                 ? 
_reflns.pdbx_aniso_B_tensor_eigenvector_1_ortho[1]     ? 
_reflns.pdbx_aniso_B_tensor_eigenvector_1_ortho[2]     ? 
_reflns.pdbx_aniso_B_tensor_eigenvector_1_ortho[3]     ? 
_reflns.pdbx_aniso_B_tensor_eigenvector_2_ortho[1]     ? 
_reflns.pdbx_aniso_B_tensor_eigenvector_2_ortho[2]     ? 
_reflns.pdbx_aniso_B_tensor_eigenvector_2_ortho[3]     ? 
_reflns.pdbx_aniso_B_tensor_eigenvector_3_ortho[1]     ? 
_reflns.pdbx_aniso_B_tensor_eigenvector_3_ortho[2]     ? 
_reflns.pdbx_aniso_B_tensor_eigenvector_3_ortho[3]     ? 
_reflns.pdbx_aniso_B_tensor_eigenvalue_1               ? 
_reflns.pdbx_aniso_B_tensor_eigenvalue_2               ? 
_reflns.pdbx_aniso_B_tensor_eigenvalue_3               ? 
_reflns.pdbx_orthogonalization_convention              ? 
_reflns.pdbx_percent_possible_ellipsoidal              ? 
_reflns.pdbx_percent_possible_spherical                ? 
_reflns.pdbx_percent_possible_ellipsoidal_anomalous    ? 
_reflns.pdbx_percent_possible_spherical_anomalous      ? 
_reflns.pdbx_redundancy_anomalous                      ? 
_reflns.pdbx_CC_half_anomalous                         ? 
_reflns.pdbx_absDiff_over_sigma_anomalous              ? 
_reflns.pdbx_percent_possible_anomalous                ? 
_reflns.pdbx_observed_signal_threshold                 ? 
_reflns.pdbx_signal_type                               ? 
_reflns.pdbx_signal_details                            ? 
_reflns.pdbx_signal_software_id                        ? 
# 
_reflns_shell.d_res_high                                    2 
_reflns_shell.d_res_low                                     2.03 
_reflns_shell.meanI_over_sigI_all                           ? 
_reflns_shell.meanI_over_sigI_obs                           ? 
_reflns_shell.number_measured_all                           ? 
_reflns_shell.number_measured_obs                           ? 
_reflns_shell.number_possible                               ? 
_reflns_shell.number_unique_all                             ? 
_reflns_shell.number_unique_obs                             200 
_reflns_shell.percent_possible_obs                          ? 
_reflns_shell.Rmerge_F_all                                  ? 
_reflns_shell.Rmerge_F_obs                                  ? 
_reflns_shell.meanI_over_sigI_gt                            ? 
_reflns_shell.meanI_over_uI_all                             ? 
_reflns_shell.meanI_over_uI_gt                              ? 
_reflns_shell.number_measured_gt                            ? 
_reflns_shell.number_unique_gt                              ? 
_reflns_shell.percent_possible_gt                           ? 
_reflns_shell.Rmerge_F_gt                                   ? 
_reflns_shell.Rmerge_I_gt                                   ? 
_reflns_shell.pdbx_redundancy                               5.2 
_reflns_shell.pdbx_chi_squared                              ? 
_reflns_shell.pdbx_netI_over_sigmaI_all                     ? 
_reflns_shell.pdbx_netI_over_sigmaI_obs                     ? 
_reflns_shell.pdbx_Rrim_I_all                               ? 
_reflns_shell.pdbx_Rpim_I_all                               ? 
_reflns_shell.pdbx_rejects                                  ? 
_reflns_shell.pdbx_ordinal                                  1 
_reflns_shell.pdbx_diffrn_id                                1 
_reflns_shell.pdbx_CC_half                                  0.932 
_reflns_shell.pdbx_CC_star                                  0.982 
_reflns_shell.pdbx_R_split                                  ? 
_reflns_shell.percent_possible_all                          ? 
_reflns_shell.Rmerge_I_all                                  ? 
_reflns_shell.Rmerge_I_obs                                  ? 
_reflns_shell.pdbx_Rsym_value                               ? 
_reflns_shell.pdbx_percent_possible_ellipsoidal             ? 
_reflns_shell.pdbx_percent_possible_spherical               ? 
_reflns_shell.pdbx_percent_possible_ellipsoidal_anomalous   ? 
_reflns_shell.pdbx_percent_possible_spherical_anomalous     ? 
_reflns_shell.pdbx_redundancy_anomalous                     ? 
_reflns_shell.pdbx_CC_half_anomalous                        ? 
_reflns_shell.pdbx_absDiff_over_sigma_anomalous             ? 
_reflns_shell.pdbx_percent_possible_anomalous               ? 
# 
_refine.aniso_B[1][1]                            ? 
_refine.aniso_B[1][2]                            ? 
_refine.aniso_B[1][3]                            ? 
_refine.aniso_B[2][2]                            ? 
_refine.aniso_B[2][3]                            ? 
_refine.aniso_B[3][3]                            ? 
_refine.B_iso_max                                ? 
_refine.B_iso_mean                               21.96 
_refine.B_iso_min                                ? 
_refine.correlation_coeff_Fo_to_Fc               ? 
_refine.correlation_coeff_Fo_to_Fc_free          ? 
_refine.details                                  ? 
_refine.diff_density_max                         ? 
_refine.diff_density_max_esd                     ? 
_refine.diff_density_min                         ? 
_refine.diff_density_min_esd                     ? 
_refine.diff_density_rms                         ? 
_refine.diff_density_rms_esd                     ? 
_refine.entry_id                                 9MRF 
_refine.pdbx_refine_id                           'X-RAY DIFFRACTION' 
_refine.ls_abs_structure_details                 ? 
_refine.ls_abs_structure_Flack                   ? 
_refine.ls_abs_structure_Flack_esd               ? 
_refine.ls_abs_structure_Rogers                  ? 
_refine.ls_abs_structure_Rogers_esd              ? 
_refine.ls_d_res_high                            2.00 
_refine.ls_d_res_low                             25.40 
_refine.ls_extinction_coef                       ? 
_refine.ls_extinction_coef_esd                   ? 
_refine.ls_extinction_expression                 ? 
_refine.ls_extinction_method                     ? 
_refine.ls_goodness_of_fit_all                   ? 
_refine.ls_goodness_of_fit_all_esd               ? 
_refine.ls_goodness_of_fit_obs                   ? 
_refine.ls_goodness_of_fit_obs_esd               ? 
_refine.ls_hydrogen_treatment                    ? 
_refine.ls_matrix_type                           ? 
_refine.ls_number_constraints                    ? 
_refine.ls_number_parameters                     ? 
_refine.ls_number_reflns_all                     ? 
_refine.ls_number_reflns_obs                     4146 
_refine.ls_number_reflns_R_free                  203 
_refine.ls_number_reflns_R_work                  3943 
_refine.ls_number_restraints                     ? 
_refine.ls_percent_reflns_obs                    98.22 
_refine.ls_percent_reflns_R_free                 4.90 
_refine.ls_R_factor_all                          ? 
_refine.ls_R_factor_obs                          0.2157 
_refine.ls_R_factor_R_free                       0.2524 
_refine.ls_R_factor_R_free_error                 ? 
_refine.ls_R_factor_R_free_error_details         ? 
_refine.ls_R_factor_R_work                       0.2139 
_refine.ls_R_Fsqd_factor_obs                     ? 
_refine.ls_R_I_factor_obs                        ? 
_refine.ls_redundancy_reflns_all                 ? 
_refine.ls_redundancy_reflns_obs                 ? 
_refine.ls_restrained_S_all                      ? 
_refine.ls_restrained_S_obs                      ? 
_refine.ls_shift_over_esd_max                    ? 
_refine.ls_shift_over_esd_mean                   ? 
_refine.ls_structure_factor_coef                 ? 
_refine.ls_weighting_details                     ? 
_refine.ls_weighting_scheme                      ? 
_refine.ls_wR_factor_all                         ? 
_refine.ls_wR_factor_obs                         ? 
_refine.ls_wR_factor_R_free                      ? 
_refine.ls_wR_factor_R_work                      ? 
_refine.occupancy_max                            ? 
_refine.occupancy_min                            ? 
_refine.solvent_model_details                    'FLAT BULK SOLVENT MODEL' 
_refine.solvent_model_param_bsol                 ? 
_refine.solvent_model_param_ksol                 ? 
_refine.pdbx_R_complete                          ? 
_refine.ls_R_factor_gt                           ? 
_refine.ls_goodness_of_fit_gt                    ? 
_refine.ls_goodness_of_fit_ref                   ? 
_refine.ls_shift_over_su_max                     ? 
_refine.ls_shift_over_su_max_lt                  ? 
_refine.ls_shift_over_su_mean                    ? 
_refine.ls_shift_over_su_mean_lt                 ? 
_refine.pdbx_ls_sigma_I                          ? 
_refine.pdbx_ls_sigma_F                          2.09 
_refine.pdbx_ls_sigma_Fsqd                       ? 
_refine.pdbx_data_cutoff_high_absF               ? 
_refine.pdbx_data_cutoff_high_rms_absF           ? 
_refine.pdbx_data_cutoff_low_absF                ? 
_refine.pdbx_isotropic_thermal_model             ? 
_refine.pdbx_ls_cross_valid_method               'FREE R-VALUE' 
_refine.pdbx_method_to_determine_struct          'MOLECULAR REPLACEMENT' 
_refine.pdbx_starting_model                      ? 
_refine.pdbx_stereochemistry_target_values       'GeoStd + Monomer Library + CDL v1.2' 
_refine.pdbx_R_Free_selection_details            ? 
_refine.pdbx_stereochem_target_val_spec_case     ? 
_refine.pdbx_overall_ESU_R                       ? 
_refine.pdbx_overall_ESU_R_Free                  ? 
_refine.pdbx_solvent_vdw_probe_radii             1.1000 
_refine.pdbx_solvent_ion_probe_radii             ? 
_refine.pdbx_solvent_shrinkage_radii             0.9000 
_refine.pdbx_real_space_R                        ? 
_refine.pdbx_density_correlation                 ? 
_refine.pdbx_pd_number_of_powder_patterns        ? 
_refine.pdbx_pd_number_of_points                 ? 
_refine.pdbx_pd_meas_number_of_points            ? 
_refine.pdbx_pd_proc_ls_prof_R_factor            ? 
_refine.pdbx_pd_proc_ls_prof_wR_factor           ? 
_refine.pdbx_pd_Marquardt_correlation_coeff      ? 
_refine.pdbx_pd_Fsqrd_R_factor                   ? 
_refine.pdbx_pd_ls_matrix_band_width             ? 
_refine.pdbx_overall_phase_error                 18.6779 
_refine.pdbx_overall_SU_R_free_Cruickshank_DPI   ? 
_refine.pdbx_overall_SU_R_free_Blow_DPI          ? 
_refine.pdbx_overall_SU_R_Blow_DPI               ? 
_refine.pdbx_TLS_residual_ADP_flag               ? 
_refine.pdbx_diffrn_id                           1 
_refine.overall_SU_B                             ? 
_refine.overall_SU_ML                            0.1347 
_refine.overall_SU_R_Cruickshank_DPI             ? 
_refine.overall_SU_R_free                        ? 
_refine.overall_FOM_free_R_set                   ? 
_refine.overall_FOM_work_R_set                   ? 
_refine.pdbx_average_fsc_overall                 ? 
_refine.pdbx_average_fsc_work                    ? 
_refine.pdbx_average_fsc_free                    ? 
# 
_refine_hist.pdbx_refine_id                   'X-RAY DIFFRACTION' 
_refine_hist.cycle_id                         LAST 
_refine_hist.details                          ? 
_refine_hist.d_res_high                       2.00 
_refine_hist.d_res_low                        25.40 
_refine_hist.number_atoms_solvent             32 
_refine_hist.number_atoms_total               508 
_refine_hist.number_reflns_all                ? 
_refine_hist.number_reflns_obs                ? 
_refine_hist.number_reflns_R_free             ? 
_refine_hist.number_reflns_R_work             ? 
_refine_hist.R_factor_all                     ? 
_refine_hist.R_factor_obs                     ? 
_refine_hist.R_factor_R_free                  ? 
_refine_hist.R_factor_R_work                  ? 
_refine_hist.pdbx_number_residues_total       ? 
_refine_hist.pdbx_B_iso_mean_ligand           ? 
_refine_hist.pdbx_B_iso_mean_solvent          ? 
_refine_hist.pdbx_number_atoms_protein        462 
_refine_hist.pdbx_number_atoms_nucleic_acid   0 
_refine_hist.pdbx_number_atoms_ligand         14 
_refine_hist.pdbx_number_atoms_lipid          ? 
_refine_hist.pdbx_number_atoms_carb           ? 
_refine_hist.pdbx_pseudo_atom_details         ? 
# 
loop_
_refine_ls_restr.pdbx_refine_id 
_refine_ls_restr.criterion 
_refine_ls_restr.dev_ideal 
_refine_ls_restr.dev_ideal_target 
_refine_ls_restr.number 
_refine_ls_restr.rejects 
_refine_ls_restr.type 
_refine_ls_restr.weight 
_refine_ls_restr.pdbx_restraint_function 
'X-RAY DIFFRACTION' ? 0.0107  ? 486 ? f_bond_d           ? ? 
'X-RAY DIFFRACTION' ? 1.1658  ? 662 ? f_angle_d          ? ? 
'X-RAY DIFFRACTION' ? 0.0634  ? 89  ? f_chiral_restr     ? ? 
'X-RAY DIFFRACTION' ? 0.0066  ? 76  ? f_plane_restr      ? ? 
'X-RAY DIFFRACTION' ? 12.4749 ? 161 ? f_dihedral_angle_d ? ? 
# 
_refine_ls_shell.pdbx_refine_id                   'X-RAY DIFFRACTION' 
_refine_ls_shell.d_res_high                       2.00 
_refine_ls_shell.d_res_low                        25.40 
_refine_ls_shell.number_reflns_all                ? 
_refine_ls_shell.number_reflns_obs                ? 
_refine_ls_shell.number_reflns_R_free             203 
_refine_ls_shell.number_reflns_R_work             3943 
_refine_ls_shell.percent_reflns_obs               98.22 
_refine_ls_shell.percent_reflns_R_free            ? 
_refine_ls_shell.R_factor_all                     ? 
_refine_ls_shell.R_factor_obs                     ? 
_refine_ls_shell.R_factor_R_free_error            ? 
_refine_ls_shell.R_factor_R_work                  0.2139 
_refine_ls_shell.redundancy_reflns_all            ? 
_refine_ls_shell.redundancy_reflns_obs            ? 
_refine_ls_shell.wR_factor_all                    ? 
_refine_ls_shell.wR_factor_obs                    ? 
_refine_ls_shell.wR_factor_R_free                 ? 
_refine_ls_shell.wR_factor_R_work                 ? 
_refine_ls_shell.pdbx_R_complete                  ? 
_refine_ls_shell.pdbx_total_number_of_bins_used   ? 
_refine_ls_shell.pdbx_phase_error                 ? 
_refine_ls_shell.pdbx_fsc_work                    ? 
_refine_ls_shell.pdbx_fsc_free                    ? 
_refine_ls_shell.R_factor_R_free                  0.2524 
# 
_struct.entry_id                     9MRF 
_struct.title                        'De novo designed apolar residue motif transmembrane helix' 
_struct.pdbx_model_details           ? 
_struct.pdbx_formula_weight          ? 
_struct.pdbx_formula_weight_method   ? 
_struct.pdbx_model_type_details      ? 
_struct.pdbx_CASP_flag               N 
# 
_struct_keywords.entry_id        9MRF 
_struct_keywords.text            'Membrane protein, De novo design, DE NOVO PROTEIN' 
_struct_keywords.pdbx_keywords   'DE NOVO PROTEIN' 
# 
loop_
_struct_asym.id 
_struct_asym.pdbx_blank_PDB_chainid_flag 
_struct_asym.pdbx_modified 
_struct_asym.entity_id 
_struct_asym.details 
A N N 1 ? 
B N N 1 ? 
C N N 2 ? 
D N N 2 ? 
E N N 3 ? 
F N N 3 ? 
# 
_struct_ref.id                         1 
_struct_ref.db_name                    PDB 
_struct_ref.db_code                    9MRF 
_struct_ref.pdbx_db_accession          9MRF 
_struct_ref.pdbx_db_isoform            ? 
_struct_ref.entity_id                  1 
_struct_ref.pdbx_seq_one_letter_code   ? 
_struct_ref.pdbx_align_begin           1 
# 
loop_
_struct_ref_seq.align_id 
_struct_ref_seq.ref_id 
_struct_ref_seq.pdbx_PDB_id_code 
_struct_ref_seq.pdbx_strand_id 
_struct_ref_seq.seq_align_beg 
_struct_ref_seq.pdbx_seq_align_beg_ins_code 
_struct_ref_seq.seq_align_end 
_struct_ref_seq.pdbx_seq_align_end_ins_code 
_struct_ref_seq.pdbx_db_accession 
_struct_ref_seq.db_align_beg 
_struct_ref_seq.pdbx_db_align_beg_ins_code 
_struct_ref_seq.db_align_end 
_struct_ref_seq.pdbx_db_align_end_ins_code 
_struct_ref_seq.pdbx_auth_seq_align_beg 
_struct_ref_seq.pdbx_auth_seq_align_end 
1 1 9MRF A 1 ? 31 ? 9MRF -3 ? 27 ? -3 27 
2 1 9MRF B 1 ? 31 ? 9MRF -3 ? 27 ? -3 27 
# 
loop_
_pdbx_struct_assembly.id 
_pdbx_struct_assembly.details 
_pdbx_struct_assembly.method_details 
_pdbx_struct_assembly.oligomeric_details 
_pdbx_struct_assembly.oligomeric_count 
1 author_defined_assembly ? monomeric 1 
2 author_defined_assembly ? monomeric 1 
# 
loop_
_pdbx_struct_assembly_gen.assembly_id 
_pdbx_struct_assembly_gen.oper_expression 
_pdbx_struct_assembly_gen.asym_id_list 
1 1 A,C,E 
2 1 B,D,F 
# 
_pdbx_struct_assembly_auth_evidence.id                     1 
_pdbx_struct_assembly_auth_evidence.assembly_id            1 
_pdbx_struct_assembly_auth_evidence.experimental_support   'gel filtration' 
_pdbx_struct_assembly_auth_evidence.details                ? 
# 
_pdbx_struct_oper_list.id                   1 
_pdbx_struct_oper_list.type                 'identity operation' 
_pdbx_struct_oper_list.name                 1_555 
_pdbx_struct_oper_list.symmetry_operation   x,y,z 
_pdbx_struct_oper_list.matrix[1][1]         1.0000000000 
_pdbx_struct_oper_list.matrix[1][2]         0.0000000000 
_pdbx_struct_oper_list.matrix[1][3]         0.0000000000 
_pdbx_struct_oper_list.vector[1]            0.0000000000 
_pdbx_struct_oper_list.matrix[2][1]         0.0000000000 
_pdbx_struct_oper_list.matrix[2][2]         1.0000000000 
_pdbx_struct_oper_list.matrix[2][3]         0.0000000000 
_pdbx_struct_oper_list.vector[2]            0.0000000000 
_pdbx_struct_oper_list.matrix[3][1]         0.0000000000 
_pdbx_struct_oper_list.matrix[3][2]         0.0000000000 
_pdbx_struct_oper_list.matrix[3][3]         1.0000000000 
_pdbx_struct_oper_list.vector[3]            0.0000000000 
# 
loop_
_struct_conf.conf_type_id 
_struct_conf.id 
_struct_conf.pdbx_PDB_helix_id 
_struct_conf.beg_label_comp_id 
_struct_conf.beg_label_asym_id 
_struct_conf.beg_label_seq_id 
_struct_conf.pdbx_beg_PDB_ins_code 
_struct_conf.end_label_comp_id 
_struct_conf.end_label_asym_id 
_struct_conf.end_label_seq_id 
_struct_conf.pdbx_end_PDB_ins_code 
_struct_conf.beg_auth_comp_id 
_struct_conf.beg_auth_asym_id 
_struct_conf.beg_auth_seq_id 
_struct_conf.end_auth_comp_id 
_struct_conf.end_auth_asym_id 
_struct_conf.end_auth_seq_id 
_struct_conf.pdbx_PDB_helix_class 
_struct_conf.details 
_struct_conf.pdbx_PDB_helix_length 
HELX_P HELX_P1 AA1 SER A 1 ? TYR A 30 ? SER A -3 TYR A 26 1 ? 30 
HELX_P HELX_P2 AA2 ALA B 2 ? TYR B 30 ? ALA B -2 TYR B 26 1 ? 29 
# 
_struct_conf_type.id          HELX_P 
_struct_conf_type.criteria    ? 
_struct_conf_type.reference   ? 
# 
_pdbx_entry_details.entry_id                   9MRF 
_pdbx_entry_details.nonpolymer_details         ? 
_pdbx_entry_details.sequence_details           ? 
_pdbx_entry_details.compound_details           ? 
_pdbx_entry_details.source_details             ? 
_pdbx_entry_details.has_ligand_of_interest     N 
_pdbx_entry_details.has_protein_modification   N 
# 
loop_
_pdbx_struct_special_symmetry.id 
_pdbx_struct_special_symmetry.PDB_model_num 
_pdbx_struct_special_symmetry.auth_asym_id 
_pdbx_struct_special_symmetry.auth_comp_id 
_pdbx_struct_special_symmetry.auth_seq_id 
_pdbx_struct_special_symmetry.PDB_ins_code 
_pdbx_struct_special_symmetry.label_asym_id 
_pdbx_struct_special_symmetry.label_comp_id 
_pdbx_struct_special_symmetry.label_seq_id 
1 1 A HOH 213 ? E HOH . 
2 1 A HOH 216 ? E HOH . 
3 1 A HOH 217 ? E HOH . 
# 
loop_
_space_group_symop.id 
_space_group_symop.operation_xyz 
1 x,y,z       
2 x,-y,-z     
3 -x,y,-z+1/2 
4 -x,-y,z+1/2 
# 
_pdbx_distant_solvent_atoms.id                                1 
_pdbx_distant_solvent_atoms.PDB_model_num                     1 
_pdbx_distant_solvent_atoms.auth_atom_id                      O 
_pdbx_distant_solvent_atoms.label_alt_id                      ? 
_pdbx_distant_solvent_atoms.auth_asym_id                      A 
_pdbx_distant_solvent_atoms.auth_comp_id                      HOH 
_pdbx_distant_solvent_atoms.auth_seq_id                       217 
_pdbx_distant_solvent_atoms.PDB_ins_code                      ? 
_pdbx_distant_solvent_atoms.neighbor_macromolecule_distance   6.21 
_pdbx_distant_solvent_atoms.neighbor_ligand_distance          . 
# 
loop_
_chem_comp_atom.comp_id 
_chem_comp_atom.atom_id 
_chem_comp_atom.type_symbol 
_chem_comp_atom.pdbx_aromatic_flag 
_chem_comp_atom.pdbx_stereo_config 
_chem_comp_atom.pdbx_ordinal 
ALA N    N N N 1   
ALA CA   C N S 2   
ALA C    C N N 3   
ALA O    O N N 4   
ALA CB   C N N 5   
ALA OXT  O N N 6   
ALA H    H N N 7   
ALA H2   H N N 8   
ALA HA   H N N 9   
ALA HB1  H N N 10  
ALA HB2  H N N 11  
ALA HB3  H N N 12  
ALA HXT  H N N 13  
ASP N    N N N 14  
ASP CA   C N S 15  
ASP C    C N N 16  
ASP O    O N N 17  
ASP CB   C N N 18  
ASP CG   C N N 19  
ASP OD1  O N N 20  
ASP OD2  O N N 21  
ASP OXT  O N N 22  
ASP H    H N N 23  
ASP H2   H N N 24  
ASP HA   H N N 25  
ASP HB2  H N N 26  
ASP HB3  H N N 27  
ASP HD2  H N N 28  
ASP HXT  H N N 29  
GLU N    N N N 30  
GLU CA   C N S 31  
GLU C    C N N 32  
GLU O    O N N 33  
GLU CB   C N N 34  
GLU CG   C N N 35  
GLU CD   C N N 36  
GLU OE1  O N N 37  
GLU OE2  O N N 38  
GLU OXT  O N N 39  
GLU H    H N N 40  
GLU H2   H N N 41  
GLU HA   H N N 42  
GLU HB2  H N N 43  
GLU HB3  H N N 44  
GLU HG2  H N N 45  
GLU HG3  H N N 46  
GLU HE2  H N N 47  
GLU HXT  H N N 48  
GLY N    N N N 49  
GLY CA   C N N 50  
GLY C    C N N 51  
GLY O    O N N 52  
GLY OXT  O N N 53  
GLY H    H N N 54  
GLY H2   H N N 55  
GLY HA2  H N N 56  
GLY HA3  H N N 57  
GLY HXT  H N N 58  
HOH O    O N N 59  
HOH H1   H N N 60  
HOH H2   H N N 61  
ILE N    N N N 62  
ILE CA   C N S 63  
ILE C    C N N 64  
ILE O    O N N 65  
ILE CB   C N S 66  
ILE CG1  C N N 67  
ILE CG2  C N N 68  
ILE CD1  C N N 69  
ILE OXT  O N N 70  
ILE H    H N N 71  
ILE H2   H N N 72  
ILE HA   H N N 73  
ILE HB   H N N 74  
ILE HG12 H N N 75  
ILE HG13 H N N 76  
ILE HG21 H N N 77  
ILE HG22 H N N 78  
ILE HG23 H N N 79  
ILE HD11 H N N 80  
ILE HD12 H N N 81  
ILE HD13 H N N 82  
ILE HXT  H N N 83  
LEU N    N N N 84  
LEU CA   C N S 85  
LEU C    C N N 86  
LEU O    O N N 87  
LEU CB   C N N 88  
LEU CG   C N N 89  
LEU CD1  C N N 90  
LEU CD2  C N N 91  
LEU OXT  O N N 92  
LEU H    H N N 93  
LEU H2   H N N 94  
LEU HA   H N N 95  
LEU HB2  H N N 96  
LEU HB3  H N N 97  
LEU HG   H N N 98  
LEU HD11 H N N 99  
LEU HD12 H N N 100 
LEU HD13 H N N 101 
LEU HD21 H N N 102 
LEU HD22 H N N 103 
LEU HD23 H N N 104 
LEU HXT  H N N 105 
LYS N    N N N 106 
LYS CA   C N S 107 
LYS C    C N N 108 
LYS O    O N N 109 
LYS CB   C N N 110 
LYS CG   C N N 111 
LYS CD   C N N 112 
LYS CE   C N N 113 
LYS NZ   N N N 114 
LYS OXT  O N N 115 
LYS H    H N N 116 
LYS H2   H N N 117 
LYS HA   H N N 118 
LYS HB2  H N N 119 
LYS HB3  H N N 120 
LYS HG2  H N N 121 
LYS HG3  H N N 122 
LYS HD2  H N N 123 
LYS HD3  H N N 124 
LYS HE2  H N N 125 
LYS HE3  H N N 126 
LYS HZ1  H N N 127 
LYS HZ2  H N N 128 
LYS HZ3  H N N 129 
LYS HXT  H N N 130 
PEG C1   C N N 131 
PEG O1   O N N 132 
PEG C2   C N N 133 
PEG O2   O N N 134 
PEG C3   C N N 135 
PEG C4   C N N 136 
PEG O4   O N N 137 
PEG H11  H N N 138 
PEG H12  H N N 139 
PEG HO1  H N N 140 
PEG H21  H N N 141 
PEG H22  H N N 142 
PEG H31  H N N 143 
PEG H32  H N N 144 
PEG H41  H N N 145 
PEG H42  H N N 146 
PEG HO4  H N N 147 
PHE N    N N N 148 
PHE CA   C N S 149 
PHE C    C N N 150 
PHE O    O N N 151 
PHE CB   C N N 152 
PHE CG   C Y N 153 
PHE CD1  C Y N 154 
PHE CD2  C Y N 155 
PHE CE1  C Y N 156 
PHE CE2  C Y N 157 
PHE CZ   C Y N 158 
PHE OXT  O N N 159 
PHE H    H N N 160 
PHE H2   H N N 161 
PHE HA   H N N 162 
PHE HB2  H N N 163 
PHE HB3  H N N 164 
PHE HD1  H N N 165 
PHE HD2  H N N 166 
PHE HE1  H N N 167 
PHE HE2  H N N 168 
PHE HZ   H N N 169 
PHE HXT  H N N 170 
SER N    N N N 171 
SER CA   C N S 172 
SER C    C N N 173 
SER O    O N N 174 
SER CB   C N N 175 
SER OG   O N N 176 
SER OXT  O N N 177 
SER H    H N N 178 
SER H2   H N N 179 
SER HA   H N N 180 
SER HB2  H N N 181 
SER HB3  H N N 182 
SER HG   H N N 183 
SER HXT  H N N 184 
THR N    N N N 185 
THR CA   C N S 186 
THR C    C N N 187 
THR O    O N N 188 
THR CB   C N R 189 
THR OG1  O N N 190 
THR CG2  C N N 191 
THR OXT  O N N 192 
THR H    H N N 193 
THR H2   H N N 194 
THR HA   H N N 195 
THR HB   H N N 196 
THR HG1  H N N 197 
THR HG21 H N N 198 
THR HG22 H N N 199 
THR HG23 H N N 200 
THR HXT  H N N 201 
TRP N    N N N 202 
TRP CA   C N S 203 
TRP C    C N N 204 
TRP O    O N N 205 
TRP CB   C N N 206 
TRP CG   C Y N 207 
TRP CD1  C Y N 208 
TRP CD2  C Y N 209 
TRP NE1  N Y N 210 
TRP CE2  C Y N 211 
TRP CE3  C Y N 212 
TRP CZ2  C Y N 213 
TRP CZ3  C Y N 214 
TRP CH2  C Y N 215 
TRP OXT  O N N 216 
TRP H    H N N 217 
TRP H2   H N N 218 
TRP HA   H N N 219 
TRP HB2  H N N 220 
TRP HB3  H N N 221 
TRP HD1  H N N 222 
TRP HE1  H N N 223 
TRP HE3  H N N 224 
TRP HZ2  H N N 225 
TRP HZ3  H N N 226 
TRP HH2  H N N 227 
TRP HXT  H N N 228 
TYR N    N N N 229 
TYR CA   C N S 230 
TYR C    C N N 231 
TYR O    O N N 232 
TYR CB   C N N 233 
TYR CG   C Y N 234 
TYR CD1  C Y N 235 
TYR CD2  C Y N 236 
TYR CE1  C Y N 237 
TYR CE2  C Y N 238 
TYR CZ   C Y N 239 
TYR OH   O N N 240 
TYR OXT  O N N 241 
TYR H    H N N 242 
TYR H2   H N N 243 
TYR HA   H N N 244 
TYR HB2  H N N 245 
TYR HB3  H N N 246 
TYR HD1  H N N 247 
TYR HD2  H N N 248 
TYR HE1  H N N 249 
TYR HE2  H N N 250 
TYR HH   H N N 251 
TYR HXT  H N N 252 
VAL N    N N N 253 
VAL CA   C N S 254 
VAL C    C N N 255 
VAL O    O N N 256 
VAL CB   C N N 257 
VAL CG1  C N N 258 
VAL CG2  C N N 259 
VAL OXT  O N N 260 
VAL H    H N N 261 
VAL H2   H N N 262 
VAL HA   H N N 263 
VAL HB   H N N 264 
VAL HG11 H N N 265 
VAL HG12 H N N 266 
VAL HG13 H N N 267 
VAL HG21 H N N 268 
VAL HG22 H N N 269 
VAL HG23 H N N 270 
VAL HXT  H N N 271 
# 
loop_
_chem_comp_bond.comp_id 
_chem_comp_bond.atom_id_1 
_chem_comp_bond.atom_id_2 
_chem_comp_bond.value_order 
_chem_comp_bond.pdbx_aromatic_flag 
_chem_comp_bond.pdbx_stereo_config 
_chem_comp_bond.pdbx_ordinal 
ALA N   CA   sing N N 1   
ALA N   H    sing N N 2   
ALA N   H2   sing N N 3   
ALA CA  C    sing N N 4   
ALA CA  CB   sing N N 5   
ALA CA  HA   sing N N 6   
ALA C   O    doub N N 7   
ALA C   OXT  sing N N 8   
ALA CB  HB1  sing N N 9   
ALA CB  HB2  sing N N 10  
ALA CB  HB3  sing N N 11  
ALA OXT HXT  sing N N 12  
ASP N   CA   sing N N 13  
ASP N   H    sing N N 14  
ASP N   H2   sing N N 15  
ASP CA  C    sing N N 16  
ASP CA  CB   sing N N 17  
ASP CA  HA   sing N N 18  
ASP C   O    doub N N 19  
ASP C   OXT  sing N N 20  
ASP CB  CG   sing N N 21  
ASP CB  HB2  sing N N 22  
ASP CB  HB3  sing N N 23  
ASP CG  OD1  doub N N 24  
ASP CG  OD2  sing N N 25  
ASP OD2 HD2  sing N N 26  
ASP OXT HXT  sing N N 27  
GLU N   CA   sing N N 28  
GLU N   H    sing N N 29  
GLU N   H2   sing N N 30  
GLU CA  C    sing N N 31  
GLU CA  CB   sing N N 32  
GLU CA  HA   sing N N 33  
GLU C   O    doub N N 34  
GLU C   OXT  sing N N 35  
GLU CB  CG   sing N N 36  
GLU CB  HB2  sing N N 37  
GLU CB  HB3  sing N N 38  
GLU CG  CD   sing N N 39  
GLU CG  HG2  sing N N 40  
GLU CG  HG3  sing N N 41  
GLU CD  OE1  doub N N 42  
GLU CD  OE2  sing N N 43  
GLU OE2 HE2  sing N N 44  
GLU OXT HXT  sing N N 45  
GLY N   CA   sing N N 46  
GLY N   H    sing N N 47  
GLY N   H2   sing N N 48  
GLY CA  C    sing N N 49  
GLY CA  HA2  sing N N 50  
GLY CA  HA3  sing N N 51  
GLY C   O    doub N N 52  
GLY C   OXT  sing N N 53  
GLY OXT HXT  sing N N 54  
HOH O   H1   sing N N 55  
HOH O   H2   sing N N 56  
ILE N   CA   sing N N 57  
ILE N   H    sing N N 58  
ILE N   H2   sing N N 59  
ILE CA  C    sing N N 60  
ILE CA  CB   sing N N 61  
ILE CA  HA   sing N N 62  
ILE C   O    doub N N 63  
ILE C   OXT  sing N N 64  
ILE CB  CG1  sing N N 65  
ILE CB  CG2  sing N N 66  
ILE CB  HB   sing N N 67  
ILE CG1 CD1  sing N N 68  
ILE CG1 HG12 sing N N 69  
ILE CG1 HG13 sing N N 70  
ILE CG2 HG21 sing N N 71  
ILE CG2 HG22 sing N N 72  
ILE CG2 HG23 sing N N 73  
ILE CD1 HD11 sing N N 74  
ILE CD1 HD12 sing N N 75  
ILE CD1 HD13 sing N N 76  
ILE OXT HXT  sing N N 77  
LEU N   CA   sing N N 78  
LEU N   H    sing N N 79  
LEU N   H2   sing N N 80  
LEU CA  C    sing N N 81  
LEU CA  CB   sing N N 82  
LEU CA  HA   sing N N 83  
LEU C   O    doub N N 84  
LEU C   OXT  sing N N 85  
LEU CB  CG   sing N N 86  
LEU CB  HB2  sing N N 87  
LEU CB  HB3  sing N N 88  
LEU CG  CD1  sing N N 89  
LEU CG  CD2  sing N N 90  
LEU CG  HG   sing N N 91  
LEU CD1 HD11 sing N N 92  
LEU CD1 HD12 sing N N 93  
LEU CD1 HD13 sing N N 94  
LEU CD2 HD21 sing N N 95  
LEU CD2 HD22 sing N N 96  
LEU CD2 HD23 sing N N 97  
LEU OXT HXT  sing N N 98  
LYS N   CA   sing N N 99  
LYS N   H    sing N N 100 
LYS N   H2   sing N N 101 
LYS CA  C    sing N N 102 
LYS CA  CB   sing N N 103 
LYS CA  HA   sing N N 104 
LYS C   O    doub N N 105 
LYS C   OXT  sing N N 106 
LYS CB  CG   sing N N 107 
LYS CB  HB2  sing N N 108 
LYS CB  HB3  sing N N 109 
LYS CG  CD   sing N N 110 
LYS CG  HG2  sing N N 111 
LYS CG  HG3  sing N N 112 
LYS CD  CE   sing N N 113 
LYS CD  HD2  sing N N 114 
LYS CD  HD3  sing N N 115 
LYS CE  NZ   sing N N 116 
LYS CE  HE2  sing N N 117 
LYS CE  HE3  sing N N 118 
LYS NZ  HZ1  sing N N 119 
LYS NZ  HZ2  sing N N 120 
LYS NZ  HZ3  sing N N 121 
LYS OXT HXT  sing N N 122 
PEG C1  O1   sing N N 123 
PEG C1  C2   sing N N 124 
PEG C1  H11  sing N N 125 
PEG C1  H12  sing N N 126 
PEG O1  HO1  sing N N 127 
PEG C2  O2   sing N N 128 
PEG C2  H21  sing N N 129 
PEG C2  H22  sing N N 130 
PEG O2  C3   sing N N 131 
PEG C3  C4   sing N N 132 
PEG C3  H31  sing N N 133 
PEG C3  H32  sing N N 134 
PEG C4  O4   sing N N 135 
PEG C4  H41  sing N N 136 
PEG C4  H42  sing N N 137 
PEG O4  HO4  sing N N 138 
PHE N   CA   sing N N 139 
PHE N   H    sing N N 140 
PHE N   H2   sing N N 141 
PHE CA  C    sing N N 142 
PHE CA  CB   sing N N 143 
PHE CA  HA   sing N N 144 
PHE C   O    doub N N 145 
PHE C   OXT  sing N N 146 
PHE CB  CG   sing N N 147 
PHE CB  HB2  sing N N 148 
PHE CB  HB3  sing N N 149 
PHE CG  CD1  doub Y N 150 
PHE CG  CD2  sing Y N 151 
PHE CD1 CE1  sing Y N 152 
PHE CD1 HD1  sing N N 153 
PHE CD2 CE2  doub Y N 154 
PHE CD2 HD2  sing N N 155 
PHE CE1 CZ   doub Y N 156 
PHE CE1 HE1  sing N N 157 
PHE CE2 CZ   sing Y N 158 
PHE CE2 HE2  sing N N 159 
PHE CZ  HZ   sing N N 160 
PHE OXT HXT  sing N N 161 
SER N   CA   sing N N 162 
SER N   H    sing N N 163 
SER N   H2   sing N N 164 
SER CA  C    sing N N 165 
SER CA  CB   sing N N 166 
SER CA  HA   sing N N 167 
SER C   O    doub N N 168 
SER C   OXT  sing N N 169 
SER CB  OG   sing N N 170 
SER CB  HB2  sing N N 171 
SER CB  HB3  sing N N 172 
SER OG  HG   sing N N 173 
SER OXT HXT  sing N N 174 
THR N   CA   sing N N 175 
THR N   H    sing N N 176 
THR N   H2   sing N N 177 
THR CA  C    sing N N 178 
THR CA  CB   sing N N 179 
THR CA  HA   sing N N 180 
THR C   O    doub N N 181 
THR C   OXT  sing N N 182 
THR CB  OG1  sing N N 183 
THR CB  CG2  sing N N 184 
THR CB  HB   sing N N 185 
THR OG1 HG1  sing N N 186 
THR CG2 HG21 sing N N 187 
THR CG2 HG22 sing N N 188 
THR CG2 HG23 sing N N 189 
THR OXT HXT  sing N N 190 
TRP N   CA   sing N N 191 
TRP N   H    sing N N 192 
TRP N   H2   sing N N 193 
TRP CA  C    sing N N 194 
TRP CA  CB   sing N N 195 
TRP CA  HA   sing N N 196 
TRP C   O    doub N N 197 
TRP C   OXT  sing N N 198 
TRP CB  CG   sing N N 199 
TRP CB  HB2  sing N N 200 
TRP CB  HB3  sing N N 201 
TRP CG  CD1  doub Y N 202 
TRP CG  CD2  sing Y N 203 
TRP CD1 NE1  sing Y N 204 
TRP CD1 HD1  sing N N 205 
TRP CD2 CE2  doub Y N 206 
TRP CD2 CE3  sing Y N 207 
TRP NE1 CE2  sing Y N 208 
TRP NE1 HE1  sing N N 209 
TRP CE2 CZ2  sing Y N 210 
TRP CE3 CZ3  doub Y N 211 
TRP CE3 HE3  sing N N 212 
TRP CZ2 CH2  doub Y N 213 
TRP CZ2 HZ2  sing N N 214 
TRP CZ3 CH2  sing Y N 215 
TRP CZ3 HZ3  sing N N 216 
TRP CH2 HH2  sing N N 217 
TRP OXT HXT  sing N N 218 
TYR N   CA   sing N N 219 
TYR N   H    sing N N 220 
TYR N   H2   sing N N 221 
TYR CA  C    sing N N 222 
TYR CA  CB   sing N N 223 
TYR CA  HA   sing N N 224 
TYR C   O    doub N N 225 
TYR C   OXT  sing N N 226 
TYR CB  CG   sing N N 227 
TYR CB  HB2  sing N N 228 
TYR CB  HB3  sing N N 229 
TYR CG  CD1  doub Y N 230 
TYR CG  CD2  sing Y N 231 
TYR CD1 CE1  sing Y N 232 
TYR CD1 HD1  sing N N 233 
TYR CD2 CE2  doub Y N 234 
TYR CD2 HD2  sing N N 235 
TYR CE1 CZ   doub Y N 236 
TYR CE1 HE1  sing N N 237 
TYR CE2 CZ   sing Y N 238 
TYR CE2 HE2  sing N N 239 
TYR CZ  OH   sing N N 240 
TYR OH  HH   sing N N 241 
TYR OXT HXT  sing N N 242 
VAL N   CA   sing N N 243 
VAL N   H    sing N N 244 
VAL N   H2   sing N N 245 
VAL CA  C    sing N N 246 
VAL CA  CB   sing N N 247 
VAL CA  HA   sing N N 248 
VAL C   O    doub N N 249 
VAL C   OXT  sing N N 250 
VAL CB  CG1  sing N N 251 
VAL CB  CG2  sing N N 252 
VAL CB  HB   sing N N 253 
VAL CG1 HG11 sing N N 254 
VAL CG1 HG12 sing N N 255 
VAL CG1 HG13 sing N N 256 
VAL CG2 HG21 sing N N 257 
VAL CG2 HG22 sing N N 258 
VAL CG2 HG23 sing N N 259 
VAL OXT HXT  sing N N 260 
# 
_pdbx_audit_support.funding_organization   'Other private' 
_pdbx_audit_support.country                ? 
_pdbx_audit_support.grant_number           ? 
_pdbx_audit_support.ordinal                1 
# 
_pdbx_initial_refinement_model.id               1 
_pdbx_initial_refinement_model.entity_id_list   ? 
_pdbx_initial_refinement_model.type             'in silico model' 
_pdbx_initial_refinement_model.source_name      RoseTTAFold 
_pdbx_initial_refinement_model.accession_code   ? 
_pdbx_initial_refinement_model.details          ? 
# 
_space_group.name_H-M_alt     'P 2 2 21' 
_space_group.name_Hall        'P 2c 2' 
_space_group.IT_number        17 
_space_group.crystal_system   orthorhombic 
_space_group.id               1 
# 
_atom_sites.entry_id                    9MRF 
_atom_sites.Cartn_transf_matrix[1][1]   ? 
_atom_sites.Cartn_transf_matrix[1][2]   ? 
_atom_sites.Cartn_transf_matrix[1][3]   ? 
_atom_sites.Cartn_transf_matrix[2][1]   ? 
_atom_sites.Cartn_transf_matrix[2][2]   ? 
_atom_sites.Cartn_transf_matrix[2][3]   ? 
_atom_sites.Cartn_transf_matrix[3][1]   ? 
_atom_sites.Cartn_transf_matrix[3][2]   ? 
_atom_sites.Cartn_transf_matrix[3][3]   ? 
_atom_sites.Cartn_transf_vector[1]      ? 
_atom_sites.Cartn_transf_vector[2]      ? 
_atom_sites.Cartn_transf_vector[3]      ? 
_atom_sites.Cartn_transform_axes        ? 
_atom_sites.fract_transf_matrix[1][1]   0.00264355 
_atom_sites.fract_transf_matrix[1][2]   -0.01546566 
_atom_sites.fract_transf_matrix[1][3]   0.01978735 
_atom_sites.fract_transf_matrix[2][1]   -0.02040172 
_atom_sites.fract_transf_matrix[2][2]   -0.00144253 
_atom_sites.fract_transf_matrix[2][3]   0.00159816 
_atom_sites.fract_transf_matrix[3][1]   0.00024827 
_atom_sites.fract_transf_matrix[3][2]   -0.02646190 
_atom_sites.fract_transf_matrix[3][3]   -0.02071561 
_atom_sites.fract_transf_vector[1]      -0.013286 
_atom_sites.fract_transf_vector[2]      0.245251 
_atom_sites.fract_transf_vector[3]      0.017125 
_atom_sites.solution_primary            ? 
_atom_sites.solution_secondary          ? 
_atom_sites.solution_hydrogens          ? 
_atom_sites.special_details             ? 
# 
loop_
_atom_type.symbol 
_atom_type.scat_dispersion_real 
_atom_type.scat_dispersion_imag 
_atom_type.scat_Cromer_Mann_a1 
_atom_type.scat_Cromer_Mann_a2 
_atom_type.scat_Cromer_Mann_a3 
_atom_type.scat_Cromer_Mann_a4 
_atom_type.scat_Cromer_Mann_b1 
_atom_type.scat_Cromer_Mann_b2 
_atom_type.scat_Cromer_Mann_b3 
_atom_type.scat_Cromer_Mann_b4 
_atom_type.scat_Cromer_Mann_c 
_atom_type.scat_source 
_atom_type.scat_dispersion_source 
C   ? ? 3.54356 2.42580 ? ? 25.62398 1.50364  ? ? 0.0 
;2-Gaussian fit: Grosse-Kunstleve RW, Sauter NK, Adams PD: Newsletter of the IUCr Commission on Crystallographic Computing 2004, 3, 22-31.
;
? 
N   ? ? 4.01032 2.96436 ? ? 19.97189 1.75589  ? ? 0.0 
;2-Gaussian fit: Grosse-Kunstleve RW, Sauter NK, Adams PD: Newsletter of the IUCr Commission on Crystallographic Computing 2004, 3, 22-31.
;
? 
O   ? ? 4.49882 3.47563 ? ? 15.80542 1.70748  ? ? 0.0 
;2-Gaussian fit: Grosse-Kunstleve RW, Sauter NK, Adams PD: Newsletter of the IUCr Commission on Crystallographic Computing 2004, 3, 22-31.
;
? 
O1- ? ? 5.12366 3.84317 ? ? 3.49406  27.47979 ? ? 0.0 
;2-Gaussian fit: Grosse-Kunstleve RW, Sauter NK, Adams PD: Newsletter of the IUCr Commission on Crystallographic Computing 2004, 3, 22-31.
;
? 
# 
loop_
_atom_site.group_PDB 
_atom_site.id 
_atom_site.type_symbol 
_atom_site.label_atom_id 
_atom_site.label_alt_id 
_atom_site.label_comp_id 
_atom_site.label_asym_id 
_atom_site.label_entity_id 
_atom_site.label_seq_id 
_atom_site.pdbx_PDB_ins_code 
_atom_site.Cartn_x 
_atom_site.Cartn_y 
_atom_site.Cartn_z 
_atom_site.occupancy 
_atom_site.B_iso_or_equiv 
_atom_site.pdbx_formal_charge 
_atom_site.auth_seq_id 
_atom_site.auth_comp_id 
_atom_site.auth_asym_id 
_atom_site.auth_atom_id 
_atom_site.pdbx_PDB_model_num 
ATOM   1   N N   . SER A 1 1  ? 2.66285   3.21778   -22.01857 1.000 25.04000 ?  -3  SER A N   1 
ATOM   2   C CA  . SER A 1 1  ? 2.60065   1.83392   -22.53417 1.000 25.33000 ?  -3  SER A CA  1 
ATOM   3   C C   . SER A 1 1  ? 2.12097   0.92449   -21.41715 1.000 27.65000 ?  -3  SER A C   1 
ATOM   4   O O   . SER A 1 1  ? 2.10407   1.31511   -20.24049 1.000 21.58000 ?  -3  SER A O   1 
ATOM   5   C CB  . SER A 1 1  ? 3.96602   1.38206   -23.03402 1.000 32.23000 ?  -3  SER A CB  1 
ATOM   6   O OG  . SER A 1 1  ? 4.85345   1.10550   -21.95468 1.000 30.36000 ?  -3  SER A OG  1 
ATOM   7   N N   . ALA A 1 2  ? 1.72249   -0.28688  -21.78236 1.000 26.97000 ?  -2  ALA A N   1 
ATOM   8   C CA  . ALA A 1 2  ? 1.32497   -1.25317  -20.77181 1.000 27.31000 ?  -2  ALA A CA  1 
ATOM   9   C C   . ALA A 1 2  ? 2.47644   -1.51831  -19.81582 1.000 25.38000 ?  -2  ALA A C   1 
ATOM   10  O O   . ALA A 1 2  ? 2.28233   -1.65966  -18.59607 1.000 24.00000 ?  -2  ALA A O   1 
ATOM   11  C CB  . ALA A 1 2  ? 0.85906   -2.54018  -21.45003 1.000 28.81000 ?  -2  ALA A CB  1 
ATOM   12  N N   . ALA A 1 3  ? 3.68975   -1.58097  -20.35233 1.000 25.24000 ?  -1  ALA A N   1 
ATOM   13  C CA  . ALA A 1 3  ? 4.83368   -1.83109  -19.50483 1.000 27.09000 ?  -1  ALA A CA  1 
ATOM   14  C C   . ALA A 1 3  ? 5.05661   -0.67065  -18.55105 1.000 26.04000 ?  -1  ALA A C   1 
ATOM   15  O O   . ALA A 1 3  ? 5.23854   -0.87646  -17.35152 1.000 22.13000 ?  -1  ALA A O   1 
ATOM   16  C CB  . ALA A 1 3  ? 6.07475   -2.06479  -20.36761 1.000 29.49000 ?  -1  ALA A CB  1 
ATOM   17  N N   . SER A 1 4  ? 5.02804   0.56912   -19.06758 1.000 28.04000 ?  0   SER A N   1 
ATOM   18  C CA  . SER A 1 4  ? 5.32512   1.72282   -18.22597 1.000 23.19000 ?  0   SER A CA  1 
ATOM   19  C C   . SER A 1 4  ? 4.21121   1.96119   -17.21189 1.000 22.02000 ?  0   SER A C   1 
ATOM   20  O O   . SER A 1 4  ? 4.47545   2.42812   -16.08716 1.000 25.37000 ?  0   SER A O   1 
ATOM   21  C CB  . SER A 1 4  ? 5.54811   2.97978   -19.08428 1.000 24.71000 ?  0   SER A CB  1 
ATOM   22  O OG  . SER A 1 4  ? 4.36013   3.42452   -19.70232 1.000 23.70000 ?  0   SER A OG  1 
ATOM   23  N N   . ASP A 1 5  ? 2.96906   1.62685   -17.58165 1.000 20.15000 ?  1   ASP A N   1 
ATOM   24  C CA  . ASP A 1 5  ? 1.86897   1.70351   -16.62690 1.000 22.35000 ?  1   ASP A CA  1 
ATOM   25  C C   . ASP A 1 5  ? 2.07141   0.70460   -15.49611 1.000 21.19000 ?  1   ASP A C   1 
ATOM   26  O O   . ASP A 1 5  ? 1.78970   1.01137   -14.33556 1.000 17.84000 ?  1   ASP A O   1 
ATOM   27  C CB  . ASP A 1 5  ? 0.52489   1.42031   -17.30169 1.000 23.73000 ?  1   ASP A CB  1 
ATOM   28  C CG  . ASP A 1 5  ? 0.05034   2.56765   -18.20354 1.000 30.99000 ?  1   ASP A CG  1 
ATOM   29  O OD1 . ASP A 1 5  ? 0.51219   3.72410   -18.04159 1.000 25.52000 ?  1   ASP A OD1 1 
ATOM   30  O OD2 . ASP A 1 5  ? -0.76940  2.28211   -19.10590 1.000 32.64000 -1 1   ASP A OD2 1 
ATOM   31  N N   . LEU A 1 6  ? 2.56113   -0.49522  -15.82163 1.000 18.86000 ?  2   LEU A N   1 
ATOM   32  C CA  . LEU A 1 6  ? 2.83657   -1.50591  -14.79659 1.000 18.49000 ?  2   LEU A CA  1 
ATOM   33  C C   . LEU A 1 6  ? 3.96716   -1.06599  -13.86869 1.000 17.02000 ?  2   LEU A C   1 
ATOM   34  O O   . LEU A 1 6  ? 3.85265   -1.17374  -12.64224 1.000 17.25000 ?  2   LEU A O   1 
ATOM   35  C CB  . LEU A 1 6  ? 3.15725   -2.85813  -15.45347 1.000 18.71000 ?  2   LEU A CB  1 
ATOM   36  C CG  . LEU A 1 6  ? 3.53625   -3.97358  -14.47181 1.000 18.44000 ?  2   LEU A CG  1 
ATOM   37  C CD1 . LEU A 1 6  ? 2.41114   -4.10550  -13.43425 1.000 16.24000 ?  2   LEU A CD1 1 
ATOM   38  C CD2 . LEU A 1 6  ? 3.72749   -5.32540  -15.17617 1.000 19.45000 ?  2   LEU A CD2 1 
ATOM   39  N N   . ASP A 1 7  ? 5.06625   -0.58811  -14.43838 1.000 16.17000 ?  3   ASP A N   1 
ATOM   40  C CA  A ASP A 1 7  ? 6.15913   -0.07777  -13.60738 0.530 22.01000 ?  3   ASP A CA  1 
ATOM   41  C CA  B ASP A 1 7  ? 6.16056   -0.08172  -13.60556 0.470 21.72000 ?  3   ASP A CA  1 
ATOM   42  C C   . ASP A 1 7  ? 5.66329   0.98592   -12.62298 1.000 17.93000 ?  3   ASP A C   1 
ATOM   43  O O   . ASP A 1 7  ? 6.03734   0.95918   -11.44061 1.000 20.51000 ?  3   ASP A O   1 
ATOM   44  C CB  A ASP A 1 7  ? 7.23944   0.51272   -14.50770 0.530 22.32000 ?  3   ASP A CB  1 
ATOM   45  C CB  B ASP A 1 7  ? 7.26006   0.47724   -14.50756 0.470 24.93000 ?  3   ASP A CB  1 
ATOM   46  C CG  A ASP A 1 7  ? 8.53008   0.73827   -13.77128 0.530 25.86000 ?  3   ASP A CG  1 
ATOM   47  C CG  B ASP A 1 7  ? 8.07045   -0.62484  -15.15687 0.470 23.86000 ?  3   ASP A CG  1 
ATOM   48  O OD1 A ASP A 1 7  ? 8.96928   -0.20726  -13.10005 0.530 28.29000 ?  3   ASP A OD1 1 
ATOM   49  O OD1 B ASP A 1 7  ? 7.84301   -1.79360  -14.78928 0.470 26.24000 ?  3   ASP A OD1 1 
ATOM   50  O OD2 A ASP A 1 7  ? 9.12071   1.82780   -13.86135 0.530 23.28000 -1 3   ASP A OD2 1 
ATOM   51  O OD2 B ASP A 1 7  ? 8.93038   -0.33813  -16.01248 0.470 26.48000 -1 3   ASP A OD2 1 
ATOM   52  N N   . GLU A 1 8  ? 4.85572   1.90874   -13.08791 1.000 19.60000 ?  4   GLU A N   1 
ATOM   53  C CA  . GLU A 1 8  ? 4.32694   2.94506   -12.21494 1.000 22.34000 ?  4   GLU A CA  1 
ATOM   54  C C   . GLU A 1 8  ? 3.48390   2.32904   -11.10720 1.000 17.46000 ?  4   GLU A C   1 
ATOM   55  O O   . GLU A 1 8  ? 3.60945   2.70315   -9.93694  1.000 17.30000 ?  4   GLU A O   1 
ATOM   56  C CB  . GLU A 1 8  ? 3.50687   3.93743   -13.04627 1.000 21.82000 ?  4   GLU A CB  1 
ATOM   57  C CG  . GLU A 1 8  ? 2.87105   5.04902   -12.20099 1.000 22.55000 ?  4   GLU A CG  1 
ATOM   58  C CD  . GLU A 1 8  ? 1.85429   5.87966   -12.98058 1.000 25.50000 ?  4   GLU A CD  1 
ATOM   59  O OE1 . GLU A 1 8  ? 2.12827   6.17837   -14.16840 1.000 25.41000 ?  4   GLU A OE1 1 
ATOM   60  O OE2 . GLU A 1 8  ? 0.78990   6.22128   -12.40929 1.000 27.81000 -1 4   GLU A OE2 1 
ATOM   61  N N   . LEU A 1 9  ? 2.60142   1.39264   -11.45956 1.000 17.55000 ?  5   LEU A N   1 
ATOM   62  C CA  . LEU A 1 9  ? 1.78586   0.75586   -10.43043 1.000 15.72000 ?  5   LEU A CA  1 
ATOM   63  C C   . LEU A 1 9  ? 2.66307   0.13422   -9.35654  1.000 15.20000 ?  5   LEU A C   1 
ATOM   64  O O   . LEU A 1 9  ? 2.40912   0.29552   -8.15259  1.000 14.11000 ?  5   LEU A O   1 
ATOM   65  C CB  . LEU A 1 9  ? 0.88324   -0.31739  -11.04787 1.000 17.49000 ?  5   LEU A CB  1 
ATOM   66  C CG  . LEU A 1 9  ? 0.00824   -1.15426  -10.11102 1.000 15.06000 ?  5   LEU A CG  1 
ATOM   67  C CD1 . LEU A 1 9  ? -1.05420  -0.33015  -9.41302  1.000 16.68000 ?  5   LEU A CD1 1 
ATOM   68  C CD2 . LEU A 1 9  ? -0.62030  -2.25004  -11.01113 1.000 15.85000 ?  5   LEU A CD2 1 
ATOM   69  N N   . LEU A 1 10 ? 3.69844   -0.60385  -9.77055  1.000 15.50000 ?  6   LEU A N   1 
ATOM   70  C CA  . LEU A 1 10 ? 4.50888   -1.33065  -8.79673  1.000 13.95000 ?  6   LEU A CA  1 
ATOM   71  C C   . LEU A 1 10 ? 5.30418   -0.36497  -7.91338  1.000 16.30000 ?  6   LEU A C   1 
ATOM   72  O O   . LEU A 1 10 ? 5.43349   -0.59652  -6.70269  1.000 16.95000 ?  6   LEU A O   1 
ATOM   73  C CB  . LEU A 1 10 ? 5.42055   -2.33984  -9.51970  1.000 15.07000 ?  6   LEU A CB  1 
ATOM   74  C CG  . LEU A 1 10 ? 4.72026   -3.43661  -10.37398 1.000 18.15000 ?  6   LEU A CG  1 
ATOM   75  C CD1 . LEU A 1 10 ? 5.78969   -4.32168  -11.02484 1.000 16.79000 ?  6   LEU A CD1 1 
ATOM   76  C CD2 . LEU A 1 10 ? 3.75938   -4.27890  -9.56263  1.000 18.22000 ?  6   LEU A CD2 1 
ATOM   77  N N   . TRP A 1 11 ? 5.84194   0.73119   -8.49276  1.000 14.71000 ?  7   TRP A N   1 
ATOM   78  C CA  . TRP A 1 11 ? 6.59176   1.71240   -7.68819  1.000 16.80000 ?  7   TRP A CA  1 
ATOM   79  C C   . TRP A 1 11 ? 5.68526   2.39858   -6.66450  1.000 16.03000 ?  7   TRP A C   1 
ATOM   80  O O   . TRP A 1 11 ? 6.03619   2.50724   -5.47530  1.000 14.52000 ?  7   TRP A O   1 
ATOM   81  C CB  . TRP A 1 11 ? 7.26233   2.77309   -8.59380  1.000 16.19000 ?  7   TRP A CB  1 
ATOM   82  C CG  . TRP A 1 11 ? 8.57438   2.29808   -9.10206  1.000 19.60000 ?  7   TRP A CG  1 
ATOM   83  C CD1 . TRP A 1 11 ? 8.80474   1.72010   -10.31586 1.000 19.79000 ?  7   TRP A CD1 1 
ATOM   84  C CD2 . TRP A 1 11 ? 9.86470   2.37620   -8.45148  1.000 20.75000 ?  7   TRP A CD2 1 
ATOM   85  N NE1 . TRP A 1 11 ? 10.13009  1.38432   -10.43886 1.000 21.59000 ?  7   TRP A NE1 1 
ATOM   86  C CE2 . TRP A 1 11 ? 10.80544  1.79224   -9.31818  1.000 24.12000 ?  7   TRP A CE2 1 
ATOM   87  C CE3 . TRP A 1 11 ? 10.30598  2.87022   -7.22458  1.000 26.30000 ?  7   TRP A CE3 1 
ATOM   88  C CZ2 . TRP A 1 11 ? 12.16473  1.68629   -8.99297  1.000 25.27000 ?  7   TRP A CZ2 1 
ATOM   89  C CZ3 . TRP A 1 11 ? 11.64796  2.76317   -6.90303  1.000 24.89000 ?  7   TRP A CZ3 1 
ATOM   90  C CH2 . TRP A 1 11 ? 12.55866  2.17822   -7.78180  1.000 22.04000 ?  7   TRP A CH2 1 
ATOM   91  N N   . VAL A 1 12 ? 4.47632   2.78547   -7.08884  1.000 16.38000 ?  8   VAL A N   1 
ATOM   92  C CA  . VAL A 1 12 ? 3.52959   3.42422   -6.17214  1.000 14.87000 ?  8   VAL A CA  1 
ATOM   93  C C   . VAL A 1 12 ? 3.17509   2.48009   -5.02878  1.000 16.80000 ?  8   VAL A C   1 
ATOM   94  O O   . VAL A 1 12 ? 3.13460   2.88368   -3.85924  1.000 14.26000 ?  8   VAL A O   1 
ATOM   95  C CB  . VAL A 1 12 ? 2.26574   3.89200   -6.92922  1.000 16.07000 ?  8   VAL A CB  1 
ATOM   96  C CG1 . VAL A 1 12 ? 1.19390   4.36545   -5.94888  1.000 14.87000 ?  8   VAL A CG1 1 
ATOM   97  C CG2 . VAL A 1 12 ? 2.61463   4.94466   -7.94361  1.000 15.24000 ?  8   VAL A CG2 1 
ATOM   98  N N   . ILE A 1 13 ? 2.91874   1.20852   -5.34134  1.000 12.88000 ?  9   ILE A N   1 
ATOM   99  C CA  . ILE A 1 13 ? 2.58360   0.24025   -4.29345  1.000 15.17000 ?  9   ILE A CA  1 
ATOM   100 C C   . ILE A 1 13 ? 3.75729   0.03912   -3.34272  1.000 15.33000 ?  9   ILE A C   1 
ATOM   101 O O   . ILE A 1 13 ? 3.58154   -0.01996  -2.12238  1.000 14.98000 ?  9   ILE A O   1 
ATOM   102 C CB  . ILE A 1 13 ? 2.15142   -1.09322  -4.91678  1.000 14.60000 ?  9   ILE A CB  1 
ATOM   103 C CG1 . ILE A 1 13 ? 0.83217   -0.90436  -5.65728  1.000 12.73000 ?  9   ILE A CG1 1 
ATOM   104 C CG2 . ILE A 1 13 ? 2.01555   -2.15598  -3.83664  1.000 16.71000 ?  9   ILE A CG2 1 
ATOM   105 C CD1 . ILE A 1 13 ? 0.48085   -2.12515  -6.45603  1.000 15.25000 ?  9   ILE A CD1 1 
ATOM   106 N N   . ALA A 1 14 ? 4.95664   -0.13998  -3.90584  1.000 12.28000 ?  10  ALA A N   1 
ATOM   107 C CA  . ALA A 1 14 ? 6.15448   -0.38560  -3.11052  1.000 15.48000 ?  10  ALA A CA  1 
ATOM   108 C C   . ALA A 1 14 ? 6.40024   0.75832   -2.13697  1.000 13.77000 ?  10  ALA A C   1 
ATOM   109 O O   . ALA A 1 14 ? 6.70463   0.53431   -0.95653  1.000 16.04000 ?  10  ALA A O   1 
ATOM   110 C CB  . ALA A 1 14 ? 7.35628   -0.59731  -4.04403  1.000 16.26000 ?  10  ALA A CB  1 
ATOM   111 N N   . VAL A 1 15 ? 6.26648   1.99767   -2.61042  1.000 13.46000 ?  11  VAL A N   1 
ATOM   112 C CA  . VAL A 1 15 ? 6.51233   3.14791   -1.74553  1.000 14.77000 ?  11  VAL A CA  1 
ATOM   113 C C   . VAL A 1 15 ? 5.39566   3.28331   -0.71840  1.000 14.40000 ?  11  VAL A C   1 
ATOM   114 O O   . VAL A 1 15 ? 5.64896   3.51503   0.47792   1.000 14.74000 ?  11  VAL A O   1 
ATOM   115 C CB  . VAL A 1 15 ? 6.66407   4.41543   -2.60521  1.000 15.90000 ?  11  VAL A CB  1 
ATOM   116 C CG1 . VAL A 1 15 ? 6.71770   5.67108   -1.68584  1.000 16.51000 ?  11  VAL A CG1 1 
ATOM   117 C CG2 . VAL A 1 15 ? 7.94288   4.29959   -3.45748  1.000 16.36000 ?  11  VAL A CG2 1 
ATOM   118 N N   . THR A 1 16 ? 4.16783   2.97264   -1.11496  1.000 14.60000 ?  12  THR A N   1 
ATOM   119 C CA  . THR A 1 16 ? 3.06498   3.02410   -0.15402  1.000 15.85000 ?  12  THR A CA  1 
ATOM   120 C C   . THR A 1 16 ? 3.29213   2.03386   0.97898   1.000 15.24000 ?  12  THR A C   1 
ATOM   121 O O   . THR A 1 16 ? 3.12774   2.37142   2.16324   1.000 18.04000 ?  12  THR A O   1 
ATOM   122 C CB  . THR A 1 16 ? 1.74298   2.72266   -0.85877  1.000 15.48000 ?  12  THR A CB  1 
ATOM   123 O OG1 . THR A 1 16 ? 1.47191   3.74190   -1.83304  1.000 17.17000 ?  12  THR A OG1 1 
ATOM   124 C CG2 . THR A 1 16 ? 0.61545   2.59452   0.16420   1.000 14.23000 ?  12  THR A CG2 1 
ATOM   125 N N   . ILE A 1 17 ? 3.71003   0.81968   0.63524   1.000 13.55000 ?  13  ILE A N   1 
ATOM   126 C CA  . ILE A 1 17 ? 4.01112   -0.17607  1.65449   1.000 13.40000 ?  13  ILE A CA  1 
ATOM   127 C C   . ILE A 1 17 ? 5.14655   0.29220   2.54137   1.000 14.03000 ?  13  ILE A C   1 
ATOM   128 O O   . ILE A 1 17 ? 5.10206   0.13292   3.76796   1.000 17.56000 ?  13  ILE A O   1 
ATOM   129 C CB  . ILE A 1 17 ? 4.33544   -1.52391  0.98396   1.000 16.53000 ?  13  ILE A CB  1 
ATOM   130 C CG1 . ILE A 1 17 ? 3.06139   -2.05717  0.30984   1.000 15.56000 ?  13  ILE A CG1 1 
ATOM   131 C CG2 . ILE A 1 17 ? 4.89416   -2.50844  1.99033   1.000 14.72000 ?  13  ILE A CG2 1 
ATOM   132 C CD1 . ILE A 1 17 ? 3.27611   -3.35311  -0.39099  1.000 18.28000 ?  13  ILE A CD1 1 
ATOM   133 N N   . PHE A 1 18 ? 6.19553   0.85383   1.94684   1.000 15.42000 ?  14  PHE A N   1 
ATOM   134 C CA  . PHE A 1 18 ? 7.30919   1.31215   2.76503   1.000 18.59000 ?  14  PHE A CA  1 
ATOM   135 C C   . PHE A 1 18 ? 6.84869   2.35090   3.78010   1.000 15.56000 ?  14  PHE A C   1 
ATOM   136 O O   . PHE A 1 18 ? 7.21073   2.27708   4.95919   1.000 18.14000 ?  14  PHE A O   1 
ATOM   137 C CB  . PHE A 1 18 ? 8.42253   1.90169   1.90040   1.000 19.74000 ?  14  PHE A CB  1 
ATOM   138 C CG  . PHE A 1 18 ? 9.59992   2.36695   2.70401   1.000 23.85000 ?  14  PHE A CG  1 
ATOM   139 C CD1 . PHE A 1 18 ? 10.47964  1.44940   3.26041   1.000 24.78000 ?  14  PHE A CD1 1 
ATOM   140 C CD2 . PHE A 1 18 ? 9.82291   3.71228   2.92682   1.000 21.86000 ?  14  PHE A CD2 1 
ATOM   141 C CE1 . PHE A 1 18 ? 11.56245  1.87804   4.03018   1.000 26.05000 ?  14  PHE A CE1 1 
ATOM   142 C CE2 . PHE A 1 18 ? 10.90003  4.13209   3.68023   1.000 27.41000 ?  14  PHE A CE2 1 
ATOM   143 C CZ  . PHE A 1 18 ? 11.77050  3.21485   4.22152   1.000 22.49000 ?  14  PHE A CZ  1 
ATOM   144 N N   . GLY A 1 19 ? 6.05257   3.32643   3.34207   1.000 15.35000 ?  15  GLY A N   1 
ATOM   145 C CA  . GLY A 1 19 ? 5.60921   4.36746   4.25709   1.000 19.14000 ?  15  GLY A CA  1 
ATOM   146 C C   . GLY A 1 19 ? 4.77581   3.78433   5.37648   1.000 15.64000 ?  15  GLY A C   1 
ATOM   147 O O   . GLY A 1 19 ? 4.91839   4.15745   6.54496   1.000 15.87000 ?  15  GLY A O   1 
ATOM   148 N N   . LEU A 1 20 ? 3.90699   2.83346   5.03140   1.000 15.32000 ?  16  LEU A N   1 
ATOM   149 C CA  . LEU A 1 20 ? 3.08524   2.20053   6.04906   1.000 14.62000 ?  16  LEU A CA  1 
ATOM   150 C C   . LEU A 1 20 ? 3.94389   1.38086   7.00255   1.000 18.70000 ?  16  LEU A C   1 
ATOM   151 O O   . LEU A 1 20 ? 3.69666   1.38109   8.21116   1.000 18.56000 ?  16  LEU A O   1 
ATOM   152 C CB  . LEU A 1 20 ? 2.02218   1.33094   5.39017   1.000 15.67000 ?  16  LEU A CB  1 
ATOM   153 C CG  . LEU A 1 20 ? 1.01676   2.13239   4.56201   1.000 17.43000 ?  16  LEU A CG  1 
ATOM   154 C CD1 . LEU A 1 20 ? 0.20284   1.19034   3.66771   1.000 21.25000 ?  16  LEU A CD1 1 
ATOM   155 C CD2 . LEU A 1 20 ? 0.09851   2.99278   5.41331   1.000 18.68000 ?  16  LEU A CD2 1 
ATOM   156 N N   . VAL A 1 21 ? 4.97050   0.69166   6.49519   1.000 13.86000 ?  17  VAL A N   1 
ATOM   157 C CA  . VAL A 1 21 ? 5.83699   -0.07815  7.38834   1.000 17.66000 ?  17  VAL A CA  1 
ATOM   158 C C   . VAL A 1 21 ? 6.57615   0.84141   8.34778   1.000 17.92000 ?  17  VAL A C   1 
ATOM   159 O O   . VAL A 1 21 ? 6.77850   0.50186   9.52046   1.000 18.79000 ?  17  VAL A O   1 
ATOM   160 C CB  . VAL A 1 21 ? 6.81867   -0.93408  6.56778   1.000 19.09000 ?  17  VAL A CB  1 
ATOM   161 C CG1 . VAL A 1 21 ? 7.89142   -1.50345  7.46369   1.000 20.90000 ?  17  VAL A CG1 1 
ATOM   162 C CG2 . VAL A 1 21 ? 6.07211   -2.06277  5.88999   1.000 19.42000 ?  17  VAL A CG2 1 
ATOM   163 N N   . LEU A 1 22 ? 7.01248   2.00337   7.85509   1.000 15.66000 ?  18  LEU A N   1 
ATOM   164 C CA  . LEU A 1 22 ? 7.67790   2.98468   8.69908   1.000 21.20000 ?  18  LEU A CA  1 
ATOM   165 C C   . LEU A 1 22 ? 6.78067   3.38652   9.85409   1.000 18.31000 ?  18  LEU A C   1 
ATOM   166 O O   . LEU A 1 22 ? 7.24174   3.53318   10.99446  1.000 18.75000 ?  18  LEU A O   1 
ATOM   167 C CB  . LEU A 1 22 ? 8.03758   4.23253   7.87026   1.000 19.21000 ?  18  LEU A CB  1 
ATOM   168 C CG  . LEU A 1 22 ? 9.41780   4.37924   7.24028   1.000 26.02000 ?  18  LEU A CG  1 
ATOM   169 C CD1 . LEU A 1 22 ? 9.44984   5.71729   6.49510   1.000 26.43000 ?  18  LEU A CD1 1 
ATOM   170 C CD2 . LEU A 1 22 ? 10.48922  4.31276   8.31629   1.000 27.69000 ?  18  LEU A CD2 1 
ATOM   171 N N   . ILE A 1 23 ? 5.49519   3.60261   9.58213   1.000 15.33000 ?  19  ILE A N   1 
ATOM   172 C CA  . ILE A 1 23 ? 4.53321   4.02736   10.63735  1.000 14.21000 ?  19  ILE A CA  1 
ATOM   173 C C   . ILE A 1 23 ? 4.36045   2.84562   11.60135  1.000 22.65000 ?  19  ILE A C   1 
ATOM   174 O O   . ILE A 1 23 ? 4.27600   3.05775   12.79431  1.000 15.64000 ?  19  ILE A O   1 
ATOM   175 C CB  . ILE A 1 23 ? 3.19450   4.49077   10.03746  1.000 19.94000 ?  19  ILE A CB  1 
ATOM   176 C CG1 . ILE A 1 23 ? 3.36548   5.71232   9.15076   1.000 17.67000 ?  19  ILE A CG1 1 
ATOM   177 C CG2 . ILE A 1 23 ? 2.16987   4.74390   11.13920  1.000 19.17000 ?  19  ILE A CG2 1 
ATOM   178 C CD1 . ILE A 1 23 ? 2.43183   5.73523   7.95847   1.000 19.94000 ?  19  ILE A CD1 1 
ATOM   179 N N   . ALA A 1 24 ? 4.25311   1.63346   11.08815  1.000 27.47000 ?  20  ALA A N   1 
ATOM   180 C CA  . ALA A 1 24 ? 4.13666   0.47001   11.94023  1.000 23.05000 ?  20  ALA A CA  1 
ATOM   181 C C   . ALA A 1 24 ? 5.38378   0.31827   12.79468  1.000 19.96000 ?  20  ALA A C   1 
ATOM   182 O O   . ALA A 1 24 ? 5.29638   -0.13250  13.94212  1.000 20.50000 ?  20  ALA A O   1 
ATOM   183 C CB  . ALA A 1 24 ? 3.91469   -0.79048  11.07531  1.000 19.66000 ?  20  ALA A CB  1 
ATOM   184 N N   . SER A 1 25 ? 6.54891   0.69849   12.24832  1.000 14.87000 ?  21  SER A N   1 
ATOM   185 C CA  . SER A 1 25 ? 7.80790   0.52881   12.96848  1.000 18.98000 ?  21  SER A CA  1 
ATOM   186 C C   . SER A 1 25 ? 7.90224   1.47051   14.16283  1.000 19.67000 ?  21  SER A C   1 
ATOM   187 O O   . SER A 1 25 ? 8.36684   1.08644   15.24142  1.000 20.81000 ?  21  SER A O   1 
ATOM   188 C CB  . SER A 1 25 ? 8.98408   0.82942   12.02915  1.000 19.27000 ?  21  SER A CB  1 
ATOM   189 O OG  . SER A 1 25 ? 9.27629   -0.28187  11.21342  1.000 29.10000 ?  21  SER A OG  1 
ATOM   190 N N   . ILE A 1 26 ? 7.49447   2.72530   13.96649  1.000 18.87000 ?  22  ILE A N   1 
ATOM   191 C CA  . ILE A 1 26 ? 7.58821   3.73966   15.05180  1.000 22.64000 ?  22  ILE A CA  1 
ATOM   192 C C   . ILE A 1 26 ? 6.62734   3.30034   16.16279  1.000 22.98000 ?  22  ILE A C   1 
ATOM   193 O O   . ILE A 1 26 ? 7.03174   3.37485   17.32325  1.000 24.76000 ?  22  ILE A O   1 
ATOM   194 C CB  . ILE A 1 26 ? 7.32240   5.17786   14.56124  1.000 19.34000 ?  22  ILE A CB  1 
ATOM   195 C CG1 . ILE A 1 26 ? 7.57252   6.19604   15.66949  1.000 26.65000 ?  22  ILE A CG1 1 
ATOM   196 C CG2 . ILE A 1 26 ? 5.93415   5.36396   13.95159  1.000 20.95000 ?  22  ILE A CG2 1 
ATOM   197 C CD1 . ILE A 1 26 ? 8.98221   6.17230   16.22450  1.000 20.87000 ?  22  ILE A CD1 1 
ATOM   198 N N   . LEU A 1 27 ? 5.43414   2.81191   15.80389  1.000 21.10000 ?  23  LEU A N   1 
ATOM   199 C CA  . LEU A 1 27 ? 4.50111   2.34674   16.82332  1.000 21.03000 ?  23  LEU A CA  1 
ATOM   200 C C   . LEU A 1 27 ? 5.08339   1.14579   17.56295  1.000 22.96000 ?  23  LEU A C   1 
ATOM   201 O O   . LEU A 1 27 ? 4.96899   1.04774   18.78675  1.000 22.97000 ?  23  LEU A O   1 
ATOM   202 C CB  . LEU A 1 27 ? 3.15038   1.99328   16.19277  1.000 21.60000 ?  23  LEU A CB  1 
ATOM   203 C CG  . LEU A 1 27 ? 2.38947   3.17780   15.59689  1.000 23.31000 ?  23  LEU A CG  1 
ATOM   204 C CD1 . LEU A 1 27 ? 1.24711   2.63796   14.74945  1.000 22.59000 ?  23  LEU A CD1 1 
ATOM   205 C CD2 . LEU A 1 27 ? 1.88214   4.08810   16.66841  1.000 21.86000 ?  23  LEU A CD2 1 
ATOM   206 N N   . LYS A 1 28 ? 5.76265   0.24145   16.86875  1.000 21.19000 ?  24  LYS A N   1 
ATOM   207 C CA  . LYS A 1 28 ? 6.38553   -0.93372  17.53377  1.000 23.66000 ?  24  LYS A CA  1 
ATOM   208 C C   . LYS A 1 28 ? 7.46912   -0.50546  18.55711  1.000 23.06000 ?  24  LYS A C   1 
ATOM   209 O O   . LYS A 1 28 ? 7.54163   -1.13901  19.60412  1.000 23.29000 ?  24  LYS A O   1 
ATOM   210 C CB  . LYS A 1 28 ? 6.91502   -1.91803  16.48568  1.000 23.72000 ?  24  LYS A CB  1 
ATOM   211 N N   . PHE A 1 29 ? 8.23095   0.55511   18.27733  1.000 24.33000 ?  25  PHE A N   1 
ATOM   212 C CA  . PHE A 1 29 ? 9.34508   1.00217   19.16833  1.000 27.75000 ?  25  PHE A CA  1 
ATOM   213 C C   . PHE A 1 29 ? 8.82584   1.40784   20.55660  1.000 26.62000 ?  25  PHE A C   1 
ATOM   214 O O   . PHE A 1 29 ? 9.61141   1.29922   21.50132  1.000 27.65000 ?  25  PHE A O   1 
ATOM   215 C CB  . PHE A 1 29 ? 10.16488  2.09940   18.48065  1.000 25.75000 ?  25  PHE A CB  1 
ATOM   216 C CG  . PHE A 1 29 ? 10.88933  3.06399   19.40834  1.000 36.15000 ?  25  PHE A CG  1 
ATOM   217 N N   . TYR A 1 30 ? 7.55280   1.79191   20.67208  1.000 25.53000 ?  26  TYR A N   1 
ATOM   218 C CA  . TYR A 1 30 ? 6.99257   2.28877   21.96609  1.000 28.46000 ?  26  TYR A CA  1 
ATOM   219 C C   . TYR A 1 30 ? 6.11732   1.23813   22.66823  1.000 25.73000 ?  26  TYR A C   1 
ATOM   220 O O   . TYR A 1 30 ? 5.59204   1.54587   23.73701  1.000 25.72000 ?  26  TYR A O   1 
ATOM   221 C CB  . TYR A 1 30 ? 6.23824   3.58867   21.67391  1.000 24.17000 ?  26  TYR A CB  1 
ATOM   222 C CG  . TYR A 1 30 ? 7.15434   4.74050   21.28914  1.000 24.71000 ?  26  TYR A CG  1 
ATOM   223 C CD1 . TYR A 1 30 ? 8.01261   5.30898   22.21990  1.000 24.22000 ?  26  TYR A CD1 1 
ATOM   224 C CD2 . TYR A 1 30 ? 7.17336   5.24423   19.99698  1.000 20.55000 ?  26  TYR A CD2 1 
ATOM   225 C CE1 . TYR A 1 30 ? 8.85443   6.35238   21.88027  1.000 21.75000 ?  26  TYR A CE1 1 
ATOM   226 C CE2 . TYR A 1 30 ? 8.00700   6.29134   19.64604  1.000 21.96000 ?  26  TYR A CE2 1 
ATOM   227 C CZ  . TYR A 1 30 ? 8.85016   6.84664   20.59020  1.000 23.09000 ?  26  TYR A CZ  1 
ATOM   228 O OH  . TYR A 1 30 ? 9.67880   7.87288   20.25936  1.000 21.60000 ?  26  TYR A OH  1 
ATOM   229 N N   . LYS A 1 31 ? 5.99550   0.03392   22.10575  1.000 26.93000 ?  27  LYS A N   1 
ATOM   230 C CA  . LYS A 1 31 ? 5.05933   -0.97507  22.67121  1.000 26.65000 ?  27  LYS A CA  1 
ATOM   231 C C   . LYS A 1 31 ? 5.64240   -1.60759  23.94690  1.000 28.20000 ?  27  LYS A C   1 
ATOM   232 O O   . LYS A 1 31 ? 4.89762   -1.95285  24.83326  1.000 29.31000 ?  27  LYS A O   1 
ATOM   233 C CB  . LYS A 1 31 ? 4.69094   -2.01154  21.60275  1.000 27.65000 ?  27  LYS A CB  1 
ATOM   234 O OXT . LYS A 1 31 ? 6.86317   -1.73189  24.00188  1.000 32.90000 -1 27  LYS A OXT 1 
ATOM   235 N N   . SER B 1 1  ? -5.88367  19.40428  -7.63080  1.000 28.45000 ?  -3  SER B N   1 
ATOM   236 C CA  . SER B 1 1  ? -6.04595  20.27994  -6.43464  1.000 29.67000 ?  -3  SER B CA  1 
ATOM   237 C C   . SER B 1 1  ? -5.51482  19.60423  -5.18065  1.000 32.19000 ?  -3  SER B C   1 
ATOM   238 O O   . SER B 1 1  ? -5.30981  18.38900  -5.17517  1.000 28.17000 ?  -3  SER B O   1 
ATOM   239 C CB  . SER B 1 1  ? -7.51247  20.63156  -6.26381  1.000 31.27000 ?  -3  SER B CB  1 
ATOM   240 O OG  . SER B 1 1  ? -8.22565  19.49792  -5.82685  1.000 30.15000 ?  -3  SER B OG  1 
ATOM   241 N N   . ALA B 1 2  ? -5.30113  20.37151  -4.10923  1.000 27.02000 ?  -2  ALA B N   1 
ATOM   242 C CA  . ALA B 1 2  ? -4.82751  19.76326  -2.87396  1.000 27.87000 ?  -2  ALA B CA  1 
ATOM   243 C C   . ALA B 1 2  ? -5.81628  18.71917  -2.36975  1.000 29.41000 ?  -2  ALA B C   1 
ATOM   244 O O   . ALA B 1 2  ? -5.41508  17.65951  -1.86305  1.000 25.93000 ?  -2  ALA B O   1 
ATOM   245 C CB  . ALA B 1 2  ? -4.60969  20.84546  -1.81218  1.000 32.44000 ?  -2  ALA B CB  1 
ATOM   246 N N   . ALA B 1 3  ? -7.11136  19.02074  -2.48173  1.000 22.89000 ?  -1  ALA B N   1 
ATOM   247 C CA  . ALA B 1 3  ? -8.14834  18.12715  -1.99512  1.000 24.08000 ?  -1  ALA B CA  1 
ATOM   248 C C   . ALA B 1 3  ? -8.17974  16.83972  -2.80063  1.000 25.59000 ?  -1  ALA B C   1 
ATOM   249 O O   . ALA B 1 3  ? -8.26528  15.74912  -2.23266  1.000 23.92000 ?  -1  ALA B O   1 
ATOM   250 C CB  . ALA B 1 3  ? -9.49121  18.85789  -2.03454  1.000 32.89000 ?  -1  ALA B CB  1 
ATOM   251 N N   . SER B 1 4  ? -8.10034  16.93964  -4.12294  1.000 24.86000 ?  0   SER B N   1 
ATOM   252 C CA  . SER B 1 4  ? -8.15285  15.72031  -4.91835  1.000 26.10000 ?  0   SER B CA  1 
ATOM   253 C C   . SER B 1 4  ? -6.86742  14.90898  -4.77343  1.000 24.89000 ?  0   SER B C   1 
ATOM   254 O O   . SER B 1 4  ? -6.90727  13.67283  -4.84475  1.000 21.88000 ?  0   SER B O   1 
ATOM   255 C CB  . SER B 1 4  ? -8.43832  16.05590  -6.38548  1.000 24.41000 ?  0   SER B CB  1 
ATOM   256 O OG  . SER B 1 4  ? -7.37565  16.75622  -6.98830  1.000 33.60000 ?  0   SER B OG  1 
ATOM   257 N N   . ASP B 1 5  ? -5.72003  15.56419  -4.56648  1.000 21.72000 ?  1   ASP B N   1 
ATOM   258 C CA  . ASP B 1 5  ? -4.49338  14.80022  -4.32053  1.000 23.67000 ?  1   ASP B CA  1 
ATOM   259 C C   . ASP B 1 5  ? -4.55263  14.06620  -2.97965  1.000 23.93000 ?  1   ASP B C   1 
ATOM   260 O O   . ASP B 1 5  ? -4.05966  12.93464  -2.85535  1.000 20.66000 ?  1   ASP B O   1 
ATOM   261 C CB  . ASP B 1 5  ? -3.27673  15.72123  -4.36305  1.000 24.27000 ?  1   ASP B CB  1 
ATOM   262 C CG  . ASP B 1 5  ? -2.97590  16.20744  -5.75760  1.000 28.56000 ?  1   ASP B CG  1 
ATOM   263 O OD1 . ASP B 1 5  ? -3.45857  15.59098  -6.73775  1.000 30.29000 ?  1   ASP B OD1 1 
ATOM   264 O OD2 . ASP B 1 5  ? -2.27221  17.22011  -5.87306  1.000 33.10000 -1 1   ASP B OD2 1 
ATOM   265 N N   . LEU B 1 6  ? -5.12626  14.70501  -1.95960  1.000 19.66000 ?  2   LEU B N   1 
ATOM   266 C CA  . LEU B 1 6  ? -5.31300  14.03093  -0.67736  1.000 23.94000 ?  2   LEU B CA  1 
ATOM   267 C C   . LEU B 1 6  ? -6.30714  12.87462  -0.79233  1.000 20.59000 ?  2   LEU B C   1 
ATOM   268 O O   . LEU B 1 6  ? -6.08809  11.80558  -0.20608  1.000 18.83000 ?  2   LEU B O   1 
ATOM   269 C CB  . LEU B 1 6  ? -5.78393  15.02021  0.39104   1.000 22.15000 ?  2   LEU B CB  1 
ATOM   270 C CG  . LEU B 1 6  ? -6.07901  14.45867  1.79104   1.000 20.87000 ?  2   LEU B CG  1 
ATOM   271 C CD1 . LEU B 1 6  ? -4.84882  13.82248  2.42864   1.000 21.40000 ?  2   LEU B CD1 1 
ATOM   272 C CD2 . LEU B 1 6  ? -6.68038  15.53140  2.69451   1.000 24.29000 ?  2   LEU B CD2 1 
ATOM   273 N N   . ASP B 1 7  ? -7.42729  13.07437  -1.49732  1.000 21.07000 ?  3   ASP B N   1 
ATOM   274 C CA  . ASP B 1 7  ? -8.34135  11.95937  -1.72088  1.000 21.19000 ?  3   ASP B CA  1 
ATOM   275 C C   . ASP B 1 7  ? -7.60256  10.78555  -2.36054  1.000 19.38000 ?  3   ASP B C   1 
ATOM   276 O O   . ASP B 1 7  ? -7.79812  9.63368   -1.96870  1.000 18.29000 ?  3   ASP B O   1 
ATOM   277 C CB  . ASP B 1 7  ? -9.51077  12.37940  -2.61212  1.000 25.58000 ?  3   ASP B CB  1 
ATOM   278 C CG  . ASP B 1 7  ? -10.54123 13.24196  -1.89472  1.000 30.92000 ?  3   ASP B CG  1 
ATOM   279 O OD1 . ASP B 1 7  ? -10.46365 13.41591  -0.65754  1.000 29.50000 ?  3   ASP B OD1 1 
ATOM   280 O OD2 . ASP B 1 7  ? -11.43763 13.75544  -2.60518  1.000 33.96000 -1 3   ASP B OD2 1 
ATOM   281 N N   . GLU B 1 8  ? -6.75315  11.06536  -3.35670  1.000 18.55000 ?  4   GLU B N   1 
ATOM   282 C CA  . GLU B 1 8  ? -6.07616  9.98175   -4.04906  1.000 19.19000 ?  4   GLU B CA  1 
ATOM   283 C C   . GLU B 1 8  ? -5.15708  9.23752   -3.09062  1.000 19.56000 ?  4   GLU B C   1 
ATOM   284 O O   . GLU B 1 8  ? -5.08743  8.00497   -3.12142  1.000 17.27000 ?  4   GLU B O   1 
ATOM   285 C CB  . GLU B 1 8  ? -5.27162  10.50264  -5.23366  1.000 20.52000 ?  4   GLU B CB  1 
ATOM   286 C CG  . GLU B 1 8  ? -4.53529  9.36340   -5.98891  1.000 21.65000 ?  4   GLU B CG  1 
ATOM   287 C CD  . GLU B 1 8  ? -3.67168  9.82100   -7.15685  1.000 24.63000 ?  4   GLU B CD  1 
ATOM   288 O OE1 . GLU B 1 8  ? -3.15460  10.95092  -7.12256  1.000 28.83000 ?  4   GLU B OE1 1 
ATOM   289 O OE2 . GLU B 1 8  ? -3.50773  9.02421   -8.10654  1.000 26.98000 -1 4   GLU B OE2 1 
ATOM   290 N N   . LEU B 1 9  ? -4.40654  9.98342   -2.27098  1.000 16.54000 ?  5   LEU B N   1 
ATOM   291 C CA  . LEU B 1 9  ? -3.52629  9.38276   -1.28064  1.000 18.98000 ?  5   LEU B CA  1 
ATOM   292 C C   . LEU B 1 9  ? -4.29170  8.43232   -0.36936  1.000 18.61000 ?  5   LEU B C   1 
ATOM   293 O O   . LEU B 1 9  ? -3.83624  7.31576   -0.09432  1.000 15.22000 ?  5   LEU B O   1 
ATOM   294 C CB  . LEU B 1 9  ? -2.87321  10.49812  -0.46040  1.000 19.26000 ?  5   LEU B CB  1 
ATOM   295 C CG  . LEU B 1 9  ? -2.04248  10.15683  0.76097   1.000 19.48000 ?  5   LEU B CG  1 
ATOM   296 C CD1 . LEU B 1 9  ? -0.83658  9.39780   0.37416   1.000 23.34000 ?  5   LEU B CD1 1 
ATOM   297 C CD2 . LEU B 1 9  ? -1.64777  11.48160  1.45014   1.000 25.48000 ?  5   LEU B CD2 1 
ATOM   298 N N   . LEU B 1 10 ? -5.44319  8.87976   0.13547   1.000 15.37000 ?  6   LEU B N   1 
ATOM   299 C CA  . LEU B 1 10 ? -6.18319  8.08748   1.11593   1.000 19.44000 ?  6   LEU B CA  1 
ATOM   300 C C   . LEU B 1 10 ? -6.73280  6.82241   0.48008   1.000 15.68000 ?  6   LEU B C   1 
ATOM   301 O O   . LEU B 1 10 ? -6.74486  5.74677   1.08821   1.000 15.43000 ?  6   LEU B O   1 
ATOM   302 C CB  . LEU B 1 10 ? -7.31441  8.93158   1.69836   1.000 17.49000 ?  6   LEU B CB  1 
ATOM   303 C CG  . LEU B 1 10 ? -6.91901  10.16188  2.52928   1.000 21.06000 ?  6   LEU B CG  1 
ATOM   304 C CD1 . LEU B 1 10 ? -8.16820  10.87464  2.97631   1.000 22.95000 ?  6   LEU B CD1 1 
ATOM   305 C CD2 . LEU B 1 10 ? -6.09603  9.70145   3.68537   1.000 28.50000 ?  6   LEU B CD2 1 
ATOM   306 N N   . TRP B 1 11 ? -7.23467  6.95562   -0.73601  1.000 15.09000 ?  7   TRP B N   1 
ATOM   307 C CA  . TRP B 1 11 ? -7.77991  5.79458   -1.47874  1.000 16.58000 ?  7   TRP B CA  1 
ATOM   308 C C   . TRP B 1 11 ? -6.65920  4.79075   -1.80047  1.000 13.83000 ?  7   TRP B C   1 
ATOM   309 O O   . TRP B 1 11 ? -6.89760  3.60249   -1.65468  1.000 18.57000 ?  7   TRP B O   1 
ATOM   310 C CB  . TRP B 1 11 ? -8.48765  6.28191   -2.74406  1.000 16.47000 ?  7   TRP B CB  1 
ATOM   311 C CG  . TRP B 1 11 ? -9.91976  6.67646   -2.50598  1.000 20.08000 ?  7   TRP B CG  1 
ATOM   312 C CD1 . TRP B 1 11 ? -10.45981 7.92716   -2.54618  1.000 22.00000 ?  7   TRP B CD1 1 
ATOM   313 C CD2 . TRP B 1 11 ? -11.00078 5.78586   -2.16811  1.000 23.46000 ?  7   TRP B CD2 1 
ATOM   314 N NE1 . TRP B 1 11 ? -11.79917 7.87802   -2.26910  1.000 21.76000 ?  7   TRP B NE1 1 
ATOM   315 C CE2 . TRP B 1 11 ? -12.15833 6.58044   -2.03054  1.000 26.72000 ?  7   TRP B CE2 1 
ATOM   316 C CE3 . TRP B 1 11 ? -11.09706 4.40475   -1.97381  1.000 24.84000 ?  7   TRP B CE3 1 
ATOM   317 C CZ2 . TRP B 1 11 ? -13.39649 6.03348   -1.70684  1.000 27.21000 ?  7   TRP B CZ2 1 
ATOM   318 C CZ3 . TRP B 1 11 ? -12.32209 3.86857   -1.65238  1.000 26.75000 ?  7   TRP B CZ3 1 
ATOM   319 C CH2 . TRP B 1 11 ? -13.45155 4.67262   -1.52008  1.000 26.85000 ?  7   TRP B CH2 1 
ATOM   320 N N   . VAL B 1 12 ? -5.49725  5.28672   -2.21892  1.000 16.16000 ?  8   VAL B N   1 
ATOM   321 C CA  . VAL B 1 12 ? -4.37243  4.39882   -2.51185  1.000 14.49000 ?  8   VAL B CA  1 
ATOM   322 C C   . VAL B 1 12 ? -3.95564  3.63558   -1.25612  1.000 15.56000 ?  8   VAL B C   1 
ATOM   323 O O   . VAL B 1 12 ? -3.64954  2.43524   -1.30738  1.000 14.92000 ?  8   VAL B O   1 
ATOM   324 C CB  . VAL B 1 12 ? -3.19912  5.20920   -3.10468  1.000 15.90000 ?  8   VAL B CB  1 
ATOM   325 C CG1 . VAL B 1 12 ? -1.95649  4.35493   -3.14713  1.000 17.66000 ?  8   VAL B CG1 1 
ATOM   326 C CG2 . VAL B 1 12 ? -3.56030  5.70720   -4.51899  1.000 15.97000 ?  8   VAL B CG2 1 
ATOM   327 N N   . ILE B 1 13 ? -3.89727  4.32146   -0.11016  1.000 15.16000 ?  9   ILE B N   1 
ATOM   328 C CA  . ILE B 1 13 ? -3.61867  3.62149   1.14584   1.000 14.94000 ?  9   ILE B CA  1 
ATOM   329 C C   . ILE B 1 13 ? -4.71559  2.59964   1.40621   1.000 13.05000 ?  9   ILE B C   1 
ATOM   330 O O   . ILE B 1 13 ? -4.45434  1.41385   1.66840   1.000 14.88000 ?  9   ILE B O   1 
ATOM   331 C CB  . ILE B 1 13 ? -3.48216  4.62300   2.31622   1.000 14.52000 ?  9   ILE B CB  1 
ATOM   332 C CG1 . ILE B 1 13 ? -2.24494  5.48737   2.13863   1.000 15.01000 ?  9   ILE B CG1 1 
ATOM   333 C CG2 . ILE B 1 13 ? -3.45847  3.84809   3.67787   1.000 15.61000 ?  9   ILE B CG2 1 
ATOM   334 C CD1 . ILE B 1 13 ? -2.14293  6.61345   3.16083   1.000 17.30000 ?  9   ILE B CD1 1 
ATOM   335 N N   . ALA B 1 14 ? -5.96801  3.01793   1.23812   1.000 14.85000 ?  10  ALA B N   1 
ATOM   336 C CA  . ALA B 1 14 ? -7.08301  2.13186   1.58278   1.000 19.20000 ?  10  ALA B CA  1 
ATOM   337 C C   . ALA B 1 14 ? -7.05518  0.83049   0.77632   1.000 16.85000 ?  10  ALA B C   1 
ATOM   338 O O   . ALA B 1 14 ? -7.17263  -0.27305  1.32312   1.000 17.26000 ?  10  ALA B O   1 
ATOM   339 C CB  . ALA B 1 14 ? -8.40132  2.86288   1.34374   1.000 18.23000 ?  10  ALA B CB  1 
ATOM   340 N N   . VAL B 1 15 ? -6.95424  0.94735   -0.53818  1.000 15.78000 ?  11  VAL B N   1 
ATOM   341 C CA  . VAL B 1 15 ? -6.98204  -0.23734  -1.44893  1.000 16.89000 ?  11  VAL B CA  1 
ATOM   342 C C   . VAL B 1 15 ? -5.69174  -1.07894  -1.33342  1.000 17.98000 ?  11  VAL B C   1 
ATOM   343 O O   . VAL B 1 15 ? -5.77559  -2.28353  -1.56562  1.000 22.22000 ?  11  VAL B O   1 
ATOM   344 C CB  . VAL B 1 15 ? -7.23282  0.22299   -2.89977  1.000 18.88000 ?  11  VAL B CB  1 
ATOM   345 C CG1 . VAL B 1 15 ? -8.56991  0.93698   -3.04751  1.000 20.93000 ?  11  VAL B CG1 1 
ATOM   346 C CG2 . VAL B 1 15 ? -6.09578  1.07015   -3.44753  1.000 16.97000 ?  11  VAL B CG2 1 
ATOM   347 N N   . THR B 1 16 ? -4.54999  -0.45521  -1.02142  1.000 15.20000 ?  12  THR B N   1 
ATOM   348 C CA  . THR B 1 16 ? -3.31223  -1.22337  -0.83001  1.000 13.44000 ?  12  THR B CA  1 
ATOM   349 C C   . THR B 1 16 ? -3.37991  -2.08896  0.42575   1.000 16.03000 ?  12  THR B C   1 
ATOM   350 O O   . THR B 1 16 ? -3.00068  -3.26857  0.41539   1.000 14.49000 ?  12  THR B O   1 
ATOM   351 C CB  . THR B 1 16 ? -2.10876  -0.29306  -0.74991  1.000 13.19000 ?  12  THR B CB  1 
ATOM   352 O OG1 . THR B 1 16 ? -2.01440  0.42671   -1.97645  1.000 16.83000 ?  12  THR B OG1 1 
ATOM   353 C CG2 . THR B 1 16 ? -0.83514  -1.11910  -0.57662  1.000 16.21000 ?  12  THR B CG2 1 
ATOM   354 N N   . ILE B 1 17 ? -3.85655  -1.50449  1.51800   1.000 13.97000 ?  13  ILE B N   1 
ATOM   355 C CA  . ILE B 1 17 ? -4.06941  -2.26962  2.73129   1.000 15.77000 ?  13  ILE B CA  1 
ATOM   356 C C   . ILE B 1 17 ? -5.09842  -3.35901  2.48823   1.000 16.44000 ?  13  ILE B C   1 
ATOM   357 O O   . ILE B 1 17 ? -4.91595  -4.50312  2.92497   1.000 16.87000 ?  13  ILE B O   1 
ATOM   358 C CB  . ILE B 1 17 ? -4.46056  -1.33776  3.89347   1.000 14.75000 ?  13  ILE B CB  1 
ATOM   359 C CG1 . ILE B 1 17 ? -3.21665  -0.52681  4.30497   1.000 18.02000 ?  13  ILE B CG1 1 
ATOM   360 C CG2 . ILE B 1 17 ? -5.05960  -2.14291  5.01860   1.000 15.19000 ?  13  ILE B CG2 1 
ATOM   361 C CD1 . ILE B 1 17 ? -3.47293  0.48173   5.39676   1.000 21.45000 ?  13  ILE B CD1 1 
ATOM   362 N N   . PHE B 1 18 ? -6.19513  -3.03424  1.79742   1.000 13.19000 ?  14  PHE B N   1 
ATOM   363 C CA  . PHE B 1 18 ? -7.19585  -4.06138  1.54818   1.000 18.55000 ?  14  PHE B CA  1 
ATOM   364 C C   . PHE B 1 18 ? -6.59321  -5.21506  0.76761   1.000 16.19000 ?  14  PHE B C   1 
ATOM   365 O O   . PHE B 1 18 ? -6.74578  -6.38832  1.13699   1.000 18.44000 ?  14  PHE B O   1 
ATOM   366 C CB  . PHE B 1 18 ? -8.38031  -3.46991  0.78657   1.000 19.21000 ?  14  PHE B CB  1 
ATOM   367 C CG  . PHE B 1 18 ? -9.42176  -4.48810  0.43618   1.000 20.06000 ?  14  PHE B CG  1 
ATOM   368 C CD1 . PHE B 1 18 ? -10.31279 -4.96238  1.39311   1.000 25.07000 ?  14  PHE B CD1 1 
ATOM   369 C CD2 . PHE B 1 18 ? -9.48028  -5.01964  -0.82906  1.000 23.22000 ?  14  PHE B CD2 1 
ATOM   370 C CE1 . PHE B 1 18 ? -11.26843 -5.92941  1.05466   1.000 25.15000 ?  14  PHE B CE1 1 
ATOM   371 C CE2 . PHE B 1 18 ? -10.43642 -5.99775  -1.15824  1.000 27.15000 ?  14  PHE B CE2 1 
ATOM   372 C CZ  . PHE B 1 18 ? -11.31351 -6.43933  -0.21208  1.000 27.02000 ?  14  PHE B CZ  1 
ATOM   373 N N   . GLY B 1 19 ? -5.85379  -4.89535  -0.28732  1.000 12.98000 ?  15  GLY B N   1 
ATOM   374 C CA  . GLY B 1 19 ? -5.27837  -5.95267  -1.11019  1.000 16.65000 ?  15  GLY B CA  1 
ATOM   375 C C   . GLY B 1 19 ? -4.33586  -6.83794  -0.31361  1.000 17.04000 ?  15  GLY B C   1 
ATOM   376 O O   . GLY B 1 19 ? -4.37730  -8.07238  -0.42932  1.000 14.89000 ?  15  GLY B O   1 
ATOM   377 N N   . LEU B 1 20 ? -3.50800  -6.21442  0.54809   1.000 14.88000 ?  16  LEU B N   1 
ATOM   378 C CA  . LEU B 1 20 ? -2.54410  -6.97825  1.34229   1.000 15.37000 ?  16  LEU B CA  1 
ATOM   379 C C   . LEU B 1 20 ? -3.25953  -7.84831  2.36077   1.000 16.57000 ?  16  LEU B C   1 
ATOM   380 O O   . LEU B 1 20 ? -2.91044  -9.01693  2.54041   1.000 13.90000 ?  16  LEU B O   1 
ATOM   381 C CB  . LEU B 1 20 ? -1.52913  -6.06461  2.04330   1.000 14.76000 ?  16  LEU B CB  1 
ATOM   382 C CG  . LEU B 1 20 ? -0.55891  -5.35733  1.08818   1.000 20.38000 ?  16  LEU B CG  1 
ATOM   383 C CD1 . LEU B 1 20 ? 0.19255   -4.26762  1.81907   1.000 19.24000 ?  16  LEU B CD1 1 
ATOM   384 C CD2 . LEU B 1 20 ? 0.41501   -6.35421  0.42649   1.000 18.39000 ?  16  LEU B CD2 1 
ATOM   385 N N   . VAL B 1 21 ? -4.30405  -7.31900  2.98293   1.000 15.47000 ?  17  VAL B N   1 
ATOM   386 C CA  . VAL B 1 21 ? -5.06277  -8.10853  3.94507   1.000 14.52000 ?  17  VAL B CA  1 
ATOM   387 C C   . VAL B 1 21 ? -5.71242  -9.30120  3.25283   1.000 16.50000 ?  17  VAL B C   1 
ATOM   388 O O   . VAL B 1 21 ? -5.77662  -10.40712 3.80980   1.000 15.36000 ?  17  VAL B O   1 
ATOM   389 C CB  . VAL B 1 21 ? -6.12350  -7.23091  4.62340   1.000 16.84000 ?  17  VAL B CB  1 
ATOM   390 C CG1 . VAL B 1 21 ? -7.11429  -8.07434  5.38554   1.000 18.93000 ?  17  VAL B CG1 1 
ATOM   391 C CG2 . VAL B 1 21 ? -5.49017  -6.20385  5.56105   1.000 16.88000 ?  17  VAL B CG2 1 
ATOM   392 N N   . LEU B 1 22 ? -6.24277  -9.07879  2.04901   1.000 15.78000 ?  18  LEU B N   1 
ATOM   393 C CA  . LEU B 1 22 ? -6.90972  -10.14985 1.30991   1.000 17.63000 ?  18  LEU B CA  1 
ATOM   394 C C   . LEU B 1 22 ? -5.94256  -11.27204 0.94936   1.000 15.21000 ?  18  LEU B C   1 
ATOM   395 O O   . LEU B 1 22 ? -6.22885  -12.45056 1.17298   1.000 17.70000 ?  18  LEU B O   1 
ATOM   396 C CB  . LEU B 1 22 ? -7.55697  -9.57423  0.04936   1.000 17.34000 ?  18  LEU B CB  1 
ATOM   397 C CG  . LEU B 1 22 ? -8.21571  -10.61893 -0.86932  1.000 20.51000 ?  18  LEU B CG  1 
ATOM   398 C CD1 . LEU B 1 22 ? -9.36766  -11.34142 -0.20681  1.000 21.70000 ?  18  LEU B CD1 1 
ATOM   399 C CD2 . LEU B 1 22 ? -8.65704  -9.90320  -2.14741  1.000 21.28000 ?  18  LEU B CD2 1 
ATOM   400 N N   . ILE B 1 23 ? -4.77081  -10.91952 0.42386   1.000 13.51000 ?  19  ILE B N   1 
ATOM   401 C CA  . ILE B 1 23 ? -3.79955  -11.93405 0.05886   1.000 14.78000 ?  19  ILE B CA  1 
ATOM   402 C C   . ILE B 1 23 ? -3.30587  -12.65963 1.30311   1.000 16.35000 ?  19  ILE B C   1 
ATOM   403 O O   . ILE B 1 23 ? -3.13094  -13.88154 1.29081   1.000 17.57000 ?  19  ILE B O   1 
ATOM   404 C CB  . ILE B 1 23 ? -2.62262  -11.32661 -0.72243  1.000 15.96000 ?  19  ILE B CB  1 
ATOM   405 C CG1 . ILE B 1 23 ? -3.14797  -10.67255 -2.01197  1.000 13.85000 ?  19  ILE B CG1 1 
ATOM   406 C CG2 . ILE B 1 23 ? -1.58865  -12.43781 -0.95185  1.000 15.30000 ?  19  ILE B CG2 1 
ATOM   407 C CD1 . ILE B 1 23 ? -2.26573  -9.57844  -2.53432  1.000 17.88000 ?  19  ILE B CD1 1 
ATOM   408 N N   . ALA B 1 24 ? -3.05284  -11.91870 2.39081   1.000 12.78000 ?  20  ALA B N   1 
ATOM   409 C CA  . ALA B 1 24 ? -2.62726  -12.57375 3.62527   1.000 16.76000 ?  20  ALA B CA  1 
ATOM   410 C C   . ALA B 1 24 ? -3.69064  -13.53394 4.16418   1.000 15.73000 ?  20  ALA B C   1 
ATOM   411 O O   . ALA B 1 24 ? -3.35137  -14.54012 4.80136   1.000 17.81000 ?  20  ALA B O   1 
ATOM   412 C CB  . ALA B 1 24 ? -2.25982  -11.54286 4.68949   1.000 16.15000 ?  20  ALA B CB  1 
ATOM   413 N N   . SER B 1 25 ? -4.96979  -13.23913 3.96694   1.000 15.00000 ?  21  SER B N   1 
ATOM   414 C CA  . SER B 1 25 ? -5.99050  -14.14169 4.49925   1.000 17.62000 ?  21  SER B CA  1 
ATOM   415 C C   . SER B 1 25 ? -5.94437  -15.46669 3.76377   1.000 17.94000 ?  21  SER B C   1 
ATOM   416 O O   . SER B 1 25 ? -6.17712  -16.53195 4.34951   1.000 17.77000 ?  21  SER B O   1 
ATOM   417 C CB  . SER B 1 25 ? -7.37574  -13.51963 4.38564   1.000 20.10000 ?  21  SER B CB  1 
ATOM   418 O OG  . SER B 1 25 ? -7.83433  -13.55734 3.06719   1.000 24.86000 ?  21  SER B OG  1 
ATOM   419 N N   . ILE B 1 26 ? -5.65060  -15.40440 2.46126   1.000 16.20000 ?  22  ILE B N   1 
ATOM   420 C CA  . ILE B 1 26 ? -5.51473  -16.61368 1.65364   1.000 18.47000 ?  22  ILE B CA  1 
ATOM   421 C C   . ILE B 1 26 ? -4.36302  -17.46757 2.18390   1.000 18.66000 ?  22  ILE B C   1 
ATOM   422 O O   . ILE B 1 26 ? -4.52469  -18.66405 2.45467   1.000 18.88000 ?  22  ILE B O   1 
ATOM   423 C CB  . ILE B 1 26 ? -5.31111  -16.25630 0.17265   1.000 15.99000 ?  22  ILE B CB  1 
ATOM   424 C CG1 . ILE B 1 26 ? -6.61254  -15.72195 -0.42655  1.000 16.22000 ?  22  ILE B CG1 1 
ATOM   425 C CG2 . ILE B 1 26 ? -4.77533  -17.49917 -0.59213  1.000 16.41000 ?  22  ILE B CG2 1 
ATOM   426 C CD1 . ILE B 1 26 ? -7.82458  -16.62048 -0.24074  1.000 22.58000 ?  22  ILE B CD1 1 
ATOM   427 N N   . LEU B 1 27 ? -3.20507  -16.83809 2.42547   1.000 18.48000 ?  23  LEU B N   1 
ATOM   428 C CA  . LEU B 1 27 ? -2.04556  -17.58329 2.90946   1.000 17.63000 ?  23  LEU B CA  1 
ATOM   429 C C   . LEU B 1 27 ? -2.31923  -18.14652 4.29890   1.000 22.58000 ?  23  LEU B C   1 
ATOM   430 O O   . LEU B 1 27 ? -1.93315  -19.28552 4.61799   1.000 21.68000 ?  23  LEU B O   1 
ATOM   431 C CB  . LEU B 1 27 ? -0.80558  -16.68167 2.91632   1.000 18.42000 ?  23  LEU B CB  1 
ATOM   432 C CG  . LEU B 1 27 ? -0.34307  -16.16062 1.53761   1.000 21.89000 ?  23  LEU B CG  1 
ATOM   433 C CD1 . LEU B 1 27 ? 0.73382   -15.08214 1.75299   1.000 21.49000 ?  23  LEU B CD1 1 
ATOM   434 C CD2 . LEU B 1 27 ? 0.17086   -17.25782 0.62542   1.000 19.33000 ?  23  LEU B CD2 1 
ATOM   435 N N   . LYS B 1 28 ? -3.01111  -17.37232 5.13810   1.000 19.49000 ?  24  LYS B N   1 
ATOM   436 C CA  . LYS B 1 28 ? -3.32353  -17.87293 6.46169   1.000 21.18000 ?  24  LYS B CA  1 
ATOM   437 C C   . LYS B 1 28 ? -4.28548  -19.04738 6.39460   1.000 21.18000 ?  24  LYS B C   1 
ATOM   438 O O   . LYS B 1 28 ? -4.12595  -20.01408 7.14791   1.000 23.38000 ?  24  LYS B O   1 
ATOM   439 C CB  . LYS B 1 28 ? -3.92475  -16.77011 7.32995   1.000 21.18000 ?  24  LYS B CB  1 
ATOM   440 N N   . PHE B 1 29 ? -5.21944  -19.03551 5.44515   1.000 21.63000 ?  25  PHE B N   1 
ATOM   441 C CA  . PHE B 1 29 ? -6.19706  -20.11698 5.37753   1.000 22.42000 ?  25  PHE B CA  1 
ATOM   442 C C   . PHE B 1 29 ? -5.53088  -21.46537 5.06545   1.000 26.80000 ?  25  PHE B C   1 
ATOM   443 O O   . PHE B 1 29 ? -6.08860  -22.51038 5.41053   1.000 21.25000 ?  25  PHE B O   1 
ATOM   444 C CB  . PHE B 1 29 ? -7.25768  -19.81472 4.31844   1.000 23.54000 ?  25  PHE B CB  1 
ATOM   445 C CG  . PHE B 1 29 ? -8.26701  -20.92572 4.11457   1.000 26.99000 ?  25  PHE B CG  1 
ATOM   446 C CD2 . PHE B 1 29 ? -8.15403  -21.78982 3.01826   1.000 29.37000 ?  25  PHE B CD2 1 
ATOM   447 N N   . TYR B 1 30 ? -4.43610  -21.50862 4.39405   1.000 25.18000 ?  26  TYR B N   1 
ATOM   448 C CA  . TYR B 1 30 ? -3.76675  -22.77322 3.97985   1.000 24.81000 ?  26  TYR B CA  1 
ATOM   449 C C   . TYR B 1 30 ? -2.64825  -23.14629 4.96948   1.000 26.58000 ?  26  TYR B C   1 
ATOM   450 O O   . TYR B 1 30 ? -1.97589  -24.15935 4.76935   1.000 28.71000 ?  26  TYR B O   1 
ATOM   451 C CB  . TYR B 1 30 ? -3.31867  -22.55647 2.52731   1.000 24.65000 ?  26  TYR B CB  1 
ATOM   452 C CG  . TYR B 1 30 ? -4.44473  -22.66793 1.51733   1.000 23.42000 ?  26  TYR B CG  1 
ATOM   453 C CD1 . TYR B 1 30 ? -4.95170  -23.90933 1.16484   1.000 22.27000 ?  26  TYR B CD1 1 
ATOM   454 C CD2 . TYR B 1 30 ? -5.00760  -21.54121 0.93277   1.000 25.25000 ?  26  TYR B CD2 1 
ATOM   455 C CE1 . TYR B 1 30 ? -5.98479  -24.02914 0.25588   1.000 21.76000 ?  26  TYR B CE1 1 
ATOM   456 C CE2 . TYR B 1 30 ? -6.04279  -21.64867 0.02098   1.000 22.14000 ?  26  TYR B CE2 1 
ATOM   457 C CZ  . TYR B 1 30 ? -6.52999  -22.89825 -0.31758  1.000 20.40000 ?  26  TYR B CZ  1 
ATOM   458 O OH  . TYR B 1 30 ? -7.54563  -23.04517 -1.20794  1.000 23.69000 ?  26  TYR B OH  1 
ATOM   459 N N   . LYS B 1 31 ? -2.42798  -22.29941 5.99121   1.000 23.90000 ?  27  LYS B N   1 
ATOM   460 C CA  . LYS B 1 31 ? -1.46585  -22.63876 7.06892   1.000 30.65000 ?  27  LYS B CA  1 
ATOM   461 C C   . LYS B 1 31 ? -2.07247  -23.71887 7.99037   1.000 29.52000 ?  27  LYS B C   1 
ATOM   462 O O   . LYS B 1 31 ? -3.25546  -23.88376 8.06676   1.000 30.44000 ?  27  LYS B O   1 
ATOM   463 C CB  . LYS B 1 31 ? -1.03256  -21.38148 7.84312   1.000 29.30000 ?  27  LYS B CB  1 
ATOM   464 C CG  . LYS B 1 31 ? -0.01215  -20.55533 7.08394   1.000 27.39000 ?  27  LYS B CG  1 
ATOM   465 C CD  . LYS B 1 31 ? 0.60998   -19.40543 7.86130   1.000 33.79000 ?  27  LYS B CD  1 
ATOM   466 C CE  . LYS B 1 31 ? 1.58260   -18.66064 7.00918   1.000 32.62000 ?  27  LYS B CE  1 
ATOM   467 O OXT . LYS B 1 31 ? -1.26880  -24.38379 8.62548   1.000 32.40000 -1 27  LYS B OXT 1 
HETATM 468 C C1  . PEG C 2 .  ? 10.62197  -1.52747  -6.03049  1.000 32.39000 ?  101 PEG A C1  1 
HETATM 469 O O1  . PEG C 2 .  ? 10.44492  -0.14615  -5.82438  1.000 39.32000 ?  101 PEG A O1  1 
HETATM 470 C C2  . PEG C 2 .  ? 9.38823   -2.19131  -6.53894  1.000 34.43000 ?  101 PEG A C2  1 
HETATM 471 O O2  . PEG C 2 .  ? 9.00724   -1.62555  -7.78533  1.000 34.86000 ?  101 PEG A O2  1 
HETATM 472 C C3  . PEG C 2 .  ? 9.94108   -1.91121  -8.81741  1.000 35.43000 ?  101 PEG A C3  1 
HETATM 473 C C4  . PEG C 2 .  ? 9.22687   -2.29539  -10.06622 1.000 32.02000 ?  101 PEG A C4  1 
HETATM 474 O O4  . PEG C 2 .  ? 10.12170  -2.51227  -11.13632 1.000 45.09000 ?  101 PEG A O4  1 
HETATM 475 C C1  . PEG D 2 .  ? -11.05380 5.85653   2.53326   1.000 31.92000 ?  101 PEG B C1  1 
HETATM 476 O O1  . PEG D 2 .  ? -11.17848 7.11125   1.90725   1.000 36.09000 ?  101 PEG B O1  1 
HETATM 477 C C2  . PEG D 2 .  ? -11.55644 4.74564   1.67344   1.000 32.32000 ?  101 PEG B C2  1 
HETATM 478 O O2  . PEG D 2 .  ? -12.45099 3.92282   2.41202   1.000 38.37000 ?  101 PEG B O2  1 
HETATM 479 C C3  . PEG D 2 .  ? -12.18046 2.53438   2.26317   1.000 32.55000 ?  101 PEG B C3  1 
HETATM 480 C C4  . PEG D 2 .  ? -13.29581 1.88412   1.51979   1.000 31.45000 ?  101 PEG B C4  1 
HETATM 481 O O4  . PEG D 2 .  ? -13.38246 0.50223   1.78494   1.000 37.65000 ?  101 PEG B O4  1 
HETATM 482 O O   . HOH E 3 .  ? 7.76883   3.64597   -13.26533 1.000 27.74000 ?  201 HOH A O   1 
HETATM 483 O O   . HOH E 3 .  ? 0.14952   7.48123   -10.38435 1.000 29.72000 ?  202 HOH A O   1 
HETATM 484 O O   . HOH E 3 .  ? 3.26095   1.74957   20.58064  1.000 28.45000 ?  203 HOH A O   1 
HETATM 485 O O   . HOH E 3 .  ? -2.12363  0.01355   -18.86542 1.000 37.03000 ?  204 HOH A O   1 
HETATM 486 O O   . HOH E 3 .  ? 4.31345   6.10934   -15.84667 1.000 22.41000 ?  205 HOH A O   1 
HETATM 487 O O   . HOH E 3 .  ? 3.08817   5.03203   -17.80121 1.000 27.60000 ?  206 HOH A O   1 
HETATM 488 O O   . HOH E 3 .  ? 3.03862   -1.55006  14.78977  1.000 23.83000 ?  207 HOH A O   1 
HETATM 489 O O   . HOH E 3 .  ? 6.40095   4.45006   -15.77866 1.000 27.27000 ?  208 HOH A O   1 
HETATM 490 O O   . HOH E 3 .  ? 9.31096   2.17579   -17.25456 1.000 39.69000 ?  209 HOH A O   1 
HETATM 491 O O   . HOH E 3 .  ? 10.52824  -0.78005  15.11590  1.000 32.14000 ?  210 HOH A O   1 
HETATM 492 O O   . HOH E 3 .  ? -0.49431  -1.98899  -17.79336 1.000 29.34000 ?  211 HOH A O   1 
HETATM 493 O O   . HOH E 3 .  ? 7.32322   -3.72260  26.26803  1.000 35.10000 ?  212 HOH A O   1 
HETATM 494 O O   . HOH E 3 .  ? 3.44128   6.72974   -19.79689 0.50  41.03000 ?  213 HOH A O   1 
HETATM 495 O O   . HOH E 3 .  ? 9.14710   -1.93244  1.52777   1.000 38.93000 ?  214 HOH A O   1 
HETATM 496 O O   . HOH E 3 .  ? 8.15605   -3.39399  -0.86432  1.000 36.30000 ?  215 HOH A O   1 
HETATM 497 O O   . HOH E 3 .  ? 4.83372   -5.44414  -4.22942  0.50  53.72000 ?  216 HOH A O   1 
HETATM 498 O O   . HOH E 3 .  ? 1.78962   -5.65937  -3.99096  0.50  39.86000 ?  217 HOH A O   1 
HETATM 499 O O   . HOH F 3 .  ? -1.87645  11.62453  -9.08062  1.000 39.58000 ?  201 HOH B O   1 
HETATM 500 O O   . HOH F 3 .  ? -3.01113  8.57574   -10.49005 1.000 21.46000 ?  202 HOH B O   1 
HETATM 501 O O   . HOH F 3 .  ? -9.60134  15.87164  0.08993   1.000 35.91000 ?  203 HOH B O   1 
HETATM 502 O O   . HOH F 3 .  ? -2.77997  17.54499  -1.21471  1.000 37.08000 ?  204 HOH B O   1 
HETATM 503 O O   . HOH F 3 .  ? -1.38571  13.38796  -2.61069  1.000 36.08000 ?  205 HOH B O   1 
HETATM 504 O O   . HOH F 3 .  ? -3.65585  -25.85480 9.94381   1.000 30.46000 ?  206 HOH B O   1 
HETATM 505 O O   . HOH F 3 .  ? -7.72448  -16.48100 6.65716   1.000 35.09000 ?  207 HOH B O   1 
HETATM 506 O O   . HOH F 3 .  ? -13.81188 9.69322   -1.61392  1.000 41.75000 ?  208 HOH B O   1 
HETATM 507 O O   . HOH F 3 .  ? -12.89698 16.18486  -1.87951  1.000 48.06000 ?  209 HOH B O   1 
HETATM 508 O O   . HOH F 3 .  ? -2.76604  -26.32089 2.94937   1.000 31.98000 ?  210 HOH B O   1 
HETATM 509 O O   . HOH F 3 .  ? 1.77010   -24.41714 8.99489   1.000 34.69000 ?  211 HOH B O   1 
HETATM 510 O O   . HOH F 3 .  ? -1.19899  14.87194  -0.64623  1.000 36.32000 ?  212 HOH B O   1 
HETATM 511 O O   . HOH F 3 .  ? -9.53852  -0.68967  4.77468   1.000 43.20000 ?  213 HOH B O   1 
HETATM 512 O O   . HOH F 3 .  ? -8.74604  1.69058   5.23000   1.000 40.91000 ?  214 HOH B O   1 
HETATM 513 O O   . HOH F 3 .  ? -10.39128 14.77909  3.96144   1.000 52.28000 ?  215 HOH B O   1 
# 
